data_3CNP
#
_entry.id   3CNP
#
_cell.length_a   102.214
_cell.length_b   215.201
_cell.length_c   117.589
_cell.angle_alpha   90.000
_cell.angle_beta   90.000
_cell.angle_gamma   90.000
#
_symmetry.space_group_name_H-M   'C 2 2 21'
#
loop_
_entity.id
_entity.type
_entity.pdbx_description
1 polymer fms1
2 non-polymer 'FLAVIN-ADENINE DINUCLEOTIDE'
3 non-polymer N-{(1S)-3-[(4-aminobutyl)amino]-1-methylpropyl}acetamide
4 non-polymer GLYCEROL
5 water water
#
_entity_poly.entity_id   1
_entity_poly.type   'polypeptide(L)'
_entity_poly.pdbx_seq_one_letter_code
;MNTVSPAKKKVIIIGAGIAGLKAASTLHQNGIQDCLVLEARDRVGGRLQTVTGYQGRKYDIGASWHHDTLTNPLFLEEAQ
LSLNDGRTRFVFDDDNFIYIDEERGRVDHDKELLLEIVDNEMSKFAELEFHQHLGVSDCSFFQLVMKYLLQRRQFLTNDQ
IRYLPQLCRYLELWHGLDWKLLSAKDTYFGHQGRNAFALNYDSVVQRIAQSFPQNWLKLSCEVKSITREPSKNVTVNCED
GTVYNADYVIITVPQSVLNLSVQPEKNLRGRIEFQPPLKPVIQDAFDKIHFGALGKVIFEFEECCWSNESSKIVTLANST
NEFVEIVRNAENLDELDSMLEREDSQKHTSVTCWSQPLFFVNLSKSTGVASFMMLMQAPLTNHIESIREDKERLFSFFQP
VLNKIMKCLDSEDVIDGMRPIENIANANKPVLRNIIVSNWTRDPYSRGAYSACFPGDDPVDMVVAMSNGQDSRIRFAGEH
TIMDGAGCAYGAWESGRREATRISDLLKLEHHHHHH
;
_entity_poly.pdbx_strand_id   B,A
#
# COMPACT_ATOMS: atom_id res chain seq x y z
N LYS A 8 43.66 29.49 -8.84
CA LYS A 8 42.78 30.50 -8.20
C LYS A 8 41.78 29.89 -7.23
N LYS A 9 41.05 28.87 -7.68
CA LYS A 9 40.03 28.24 -6.85
C LYS A 9 40.21 26.75 -6.58
N LYS A 10 39.81 26.34 -5.38
CA LYS A 10 39.90 24.95 -4.95
C LYS A 10 38.75 24.10 -5.51
N VAL A 11 37.52 24.52 -5.22
CA VAL A 11 36.33 23.81 -5.71
C VAL A 11 35.41 24.75 -6.50
N ILE A 12 35.03 24.32 -7.69
CA ILE A 12 34.12 25.11 -8.51
C ILE A 12 32.83 24.34 -8.72
N ILE A 13 31.75 24.89 -8.19
CA ILE A 13 30.43 24.30 -8.29
C ILE A 13 29.66 24.94 -9.45
N ILE A 14 29.16 24.11 -10.35
CA ILE A 14 28.41 24.59 -11.50
C ILE A 14 26.93 24.35 -11.27
N GLY A 15 26.18 25.44 -11.14
CA GLY A 15 24.75 25.34 -10.92
C GLY A 15 24.40 25.77 -9.50
N ALA A 16 23.48 26.72 -9.36
CA ALA A 16 23.09 27.17 -8.03
C ALA A 16 21.73 26.63 -7.66
N GLY A 17 21.47 25.38 -8.08
CA GLY A 17 20.22 24.73 -7.72
C GLY A 17 20.41 24.27 -6.29
N ILE A 18 19.46 23.55 -5.71
CA ILE A 18 19.65 23.11 -4.33
C ILE A 18 20.88 22.21 -4.22
N ALA A 19 21.16 21.43 -5.26
CA ALA A 19 22.33 20.56 -5.23
C ALA A 19 23.58 21.43 -5.01
N GLY A 20 23.84 22.32 -5.96
CA GLY A 20 24.99 23.20 -5.87
C GLY A 20 25.03 24.03 -4.60
N LEU A 21 23.89 24.52 -4.15
CA LEU A 21 23.86 25.33 -2.94
C LEU A 21 24.22 24.51 -1.70
N LYS A 22 23.86 23.23 -1.68
CA LYS A 22 24.18 22.39 -0.53
C LYS A 22 25.68 22.09 -0.59
N ALA A 23 26.19 21.74 -1.76
CA ALA A 23 27.60 21.47 -1.91
C ALA A 23 28.44 22.65 -1.40
N ALA A 24 27.98 23.87 -1.70
CA ALA A 24 28.70 25.06 -1.25
C ALA A 24 28.58 25.20 0.27
N SER A 25 27.37 25.00 0.78
CA SER A 25 27.10 25.10 2.21
C SER A 25 27.97 24.13 3.00
N THR A 26 28.11 22.92 2.45
CA THR A 26 28.92 21.87 3.08
C THR A 26 30.39 22.27 3.08
N LEU A 27 30.94 22.53 1.90
CA LEU A 27 32.33 22.91 1.77
C LEU A 27 32.68 23.99 2.79
N HIS A 28 31.87 25.04 2.85
CA HIS A 28 32.12 26.10 3.80
C HIS A 28 32.02 25.57 5.22
N GLN A 29 31.12 24.61 5.42
CA GLN A 29 30.92 24.03 6.74
C GLN A 29 32.19 23.31 7.19
N ASN A 30 32.96 22.82 6.22
CA ASN A 30 34.19 22.12 6.53
C ASN A 30 35.40 23.06 6.38
N GLY A 31 35.20 24.32 6.72
CA GLY A 31 36.27 25.30 6.65
C GLY A 31 36.90 25.55 5.30
N ILE A 32 36.49 24.81 4.27
CA ILE A 32 37.04 25.02 2.94
C ILE A 32 36.80 26.48 2.54
N GLN A 33 37.72 27.03 1.76
CA GLN A 33 37.60 28.41 1.32
C GLN A 33 37.99 28.50 -0.15
N ASP A 34 37.84 29.69 -0.72
CA ASP A 34 38.20 29.92 -2.12
C ASP A 34 37.47 28.98 -3.07
N CYS A 35 36.16 29.06 -3.05
CA CYS A 35 35.32 28.24 -3.92
C CYS A 35 34.38 29.16 -4.72
N LEU A 36 33.80 28.63 -5.78
CA LEU A 36 32.88 29.41 -6.59
C LEU A 36 31.62 28.66 -6.97
N VAL A 37 30.53 29.40 -7.11
CA VAL A 37 29.26 28.84 -7.51
C VAL A 37 28.87 29.56 -8.80
N LEU A 38 29.12 28.91 -9.93
CA LEU A 38 28.79 29.48 -11.24
C LEU A 38 27.37 29.08 -11.66
N GLU A 39 26.48 30.07 -11.73
CA GLU A 39 25.06 29.89 -12.09
C GLU A 39 24.67 30.68 -13.36
N ALA A 40 24.09 29.99 -14.34
CA ALA A 40 23.69 30.63 -15.59
C ALA A 40 22.52 31.62 -15.46
N ARG A 41 21.55 31.31 -14.61
CA ARG A 41 20.40 32.18 -14.42
C ARG A 41 20.79 33.41 -13.61
N ASP A 42 19.92 34.40 -13.54
CA ASP A 42 20.22 35.59 -12.75
C ASP A 42 19.65 35.44 -11.35
N ARG A 43 19.41 34.20 -10.95
CA ARG A 43 18.86 33.90 -9.63
C ARG A 43 19.36 32.51 -9.24
N VAL A 44 19.20 32.16 -7.96
CA VAL A 44 19.60 30.85 -7.49
C VAL A 44 18.31 30.06 -7.27
N GLY A 45 18.44 28.75 -7.07
CA GLY A 45 17.28 27.93 -6.83
C GLY A 45 17.02 26.87 -7.87
N GLY A 46 17.34 27.18 -9.12
CA GLY A 46 17.11 26.22 -10.18
C GLY A 46 15.65 25.85 -10.28
N ARG A 47 15.38 24.55 -10.27
CA ARG A 47 14.01 24.07 -10.34
C ARG A 47 13.19 24.32 -9.08
N LEU A 48 13.75 25.13 -8.18
CA LEU A 48 13.06 25.54 -6.96
C LEU A 48 12.90 27.05 -7.15
N GLN A 49 11.70 27.48 -7.53
CA GLN A 49 11.43 28.90 -7.74
C GLN A 49 10.03 29.24 -7.24
N THR A 50 9.96 30.24 -6.38
CA THR A 50 8.70 30.69 -5.83
C THR A 50 8.35 32.03 -6.48
N VAL A 51 7.21 32.10 -7.18
CA VAL A 51 6.81 33.34 -7.85
C VAL A 51 5.72 34.08 -7.08
N THR A 52 5.49 35.34 -7.44
CA THR A 52 4.48 36.16 -6.78
C THR A 52 3.37 36.52 -7.75
N GLY A 53 2.12 36.39 -7.30
CA GLY A 53 1.00 36.71 -8.15
C GLY A 53 0.03 37.73 -7.56
N TYR A 54 -1.24 37.59 -7.92
CA TYR A 54 -2.32 38.44 -7.47
C TYR A 54 -2.31 38.68 -5.96
N GLN A 55 -2.50 39.93 -5.55
CA GLN A 55 -2.52 40.28 -4.13
C GLN A 55 -1.28 39.84 -3.36
N GLY A 56 -0.19 39.57 -4.08
CA GLY A 56 1.04 39.16 -3.44
C GLY A 56 1.14 37.70 -3.01
N ARG A 57 0.20 36.87 -3.45
CA ARG A 57 0.23 35.44 -3.11
C ARG A 57 1.48 34.83 -3.71
N LYS A 58 2.11 33.91 -2.99
CA LYS A 58 3.30 33.27 -3.49
C LYS A 58 3.01 31.80 -3.81
N TYR A 59 3.67 31.28 -4.83
CA TYR A 59 3.49 29.88 -5.22
C TYR A 59 4.79 29.28 -5.69
N ASP A 60 4.95 27.97 -5.49
CA ASP A 60 6.15 27.30 -5.96
C ASP A 60 5.81 26.81 -7.36
N ILE A 61 6.48 27.39 -8.35
CA ILE A 61 6.24 27.05 -9.74
C ILE A 61 7.08 25.84 -10.08
N GLY A 62 8.01 25.52 -9.19
CA GLY A 62 8.86 24.37 -9.36
C GLY A 62 8.40 23.33 -8.35
N ALA A 63 9.34 22.81 -7.58
CA ALA A 63 9.03 21.81 -6.55
C ALA A 63 8.17 22.43 -5.47
N SER A 64 7.23 21.66 -4.94
CA SER A 64 6.30 22.11 -3.90
C SER A 64 6.26 21.27 -2.63
N TRP A 65 6.48 19.98 -2.75
CA TRP A 65 6.42 19.11 -1.58
C TRP A 65 7.74 18.52 -1.09
N HIS A 66 7.73 18.16 0.19
CA HIS A 66 8.82 17.46 0.84
C HIS A 66 8.23 16.06 0.73
N HIS A 67 8.84 15.19 -0.07
CA HIS A 67 8.33 13.82 -0.20
C HIS A 67 9.04 12.93 0.79
N ASP A 68 8.44 11.77 1.07
CA ASP A 68 9.00 10.78 1.99
C ASP A 68 9.43 11.39 3.32
N THR A 69 8.51 12.08 3.99
CA THR A 69 8.81 12.72 5.25
C THR A 69 9.24 11.79 6.39
N LEU A 70 9.06 10.50 6.22
CA LEU A 70 9.47 9.58 7.28
C LEU A 70 10.99 9.51 7.34
N THR A 71 11.62 9.62 6.18
CA THR A 71 13.07 9.51 6.06
C THR A 71 13.77 10.69 5.38
N ASN A 72 13.01 11.59 4.77
CA ASN A 72 13.59 12.74 4.07
C ASN A 72 14.44 13.58 5.03
N PRO A 73 15.77 13.53 4.88
CA PRO A 73 16.67 14.29 5.74
C PRO A 73 16.57 15.81 5.67
N LEU A 74 16.22 16.34 4.49
CA LEU A 74 16.08 17.79 4.34
C LEU A 74 14.83 18.23 5.07
N PHE A 75 13.76 17.45 4.94
CA PHE A 75 12.52 17.78 5.61
C PHE A 75 12.72 17.76 7.14
N LEU A 76 13.42 16.74 7.63
CA LEU A 76 13.68 16.59 9.06
C LEU A 76 14.49 17.76 9.60
N GLU A 77 15.40 18.26 8.78
CA GLU A 77 16.20 19.42 9.17
C GLU A 77 15.27 20.62 9.27
N GLU A 78 14.29 20.70 8.36
CA GLU A 78 13.31 21.78 8.37
C GLU A 78 12.39 21.60 9.57
N ALA A 79 12.11 20.34 9.91
CA ALA A 79 11.24 20.05 11.03
C ALA A 79 11.89 20.45 12.34
N GLN A 80 13.20 20.27 12.45
CA GLN A 80 13.91 20.63 13.67
C GLN A 80 13.90 22.14 13.84
N LEU A 81 14.12 22.85 12.73
CA LEU A 81 14.12 24.30 12.76
C LEU A 81 12.81 24.83 13.29
N SER A 82 11.70 24.19 12.88
CA SER A 82 10.37 24.64 13.30
C SER A 82 10.00 24.26 14.72
N LEU A 83 10.56 23.17 15.21
CA LEU A 83 10.27 22.73 16.57
C LEU A 83 10.98 23.73 17.46
N ASN A 84 12.07 24.30 16.95
CA ASN A 84 12.86 25.27 17.67
C ASN A 84 12.28 26.69 17.67
N ASP A 85 11.97 27.25 16.50
CA ASP A 85 11.42 28.60 16.46
C ASP A 85 9.92 28.72 16.23
N GLY A 86 9.23 27.60 16.06
CA GLY A 86 7.80 27.64 15.87
C GLY A 86 7.33 28.26 14.57
N ARG A 87 8.25 28.53 13.65
CA ARG A 87 7.87 29.10 12.35
C ARG A 87 7.28 28.01 11.46
N THR A 88 6.14 28.30 10.85
CA THR A 88 5.50 27.36 9.95
C THR A 88 6.34 27.34 8.67
N ARG A 89 6.88 26.18 8.35
CA ARG A 89 7.68 26.05 7.14
C ARG A 89 7.02 25.10 6.16
N PHE A 90 6.02 24.36 6.63
CA PHE A 90 5.31 23.39 5.79
C PHE A 90 3.98 23.01 6.42
N VAL A 91 3.15 22.32 5.66
CA VAL A 91 1.87 21.84 6.16
C VAL A 91 1.57 20.53 5.43
N PHE A 92 1.24 19.50 6.20
CA PHE A 92 0.93 18.20 5.63
C PHE A 92 -0.41 18.32 4.92
N ASP A 93 -0.38 18.29 3.59
CA ASP A 93 -1.61 18.45 2.83
C ASP A 93 -2.20 17.21 2.16
N ASP A 94 -1.72 16.03 2.52
CA ASP A 94 -2.30 14.84 1.90
C ASP A 94 -3.77 14.89 2.26
N ASP A 95 -4.62 14.43 1.36
CA ASP A 95 -6.04 14.48 1.61
C ASP A 95 -6.68 13.32 0.88
N ASN A 96 -8.00 13.18 1.02
CA ASN A 96 -8.71 12.12 0.32
C ASN A 96 -9.05 12.71 -1.05
N PHE A 97 -8.54 12.09 -2.10
CA PHE A 97 -8.75 12.57 -3.44
C PHE A 97 -10.18 12.57 -3.95
N ILE A 98 -10.55 13.67 -4.58
CA ILE A 98 -11.87 13.80 -5.19
C ILE A 98 -11.59 13.57 -6.68
N TYR A 99 -12.30 12.62 -7.28
CA TYR A 99 -12.11 12.33 -8.70
C TYR A 99 -13.35 12.79 -9.47
N ILE A 100 -13.11 13.54 -10.53
CA ILE A 100 -14.21 14.09 -11.31
C ILE A 100 -14.20 13.72 -12.79
N ASP A 101 -15.33 13.18 -13.24
CA ASP A 101 -15.50 12.80 -14.63
C ASP A 101 -16.47 13.80 -15.26
N GLU A 102 -16.16 14.25 -16.47
CA GLU A 102 -16.99 15.25 -17.14
C GLU A 102 -18.47 14.90 -17.19
N GLU A 103 -18.77 13.69 -17.64
CA GLU A 103 -20.13 13.22 -17.78
C GLU A 103 -20.78 12.80 -16.46
N ARG A 104 -20.09 11.98 -15.68
CA ARG A 104 -20.62 11.47 -14.43
C ARG A 104 -20.47 12.35 -13.18
N GLY A 105 -19.44 13.18 -13.13
CA GLY A 105 -19.25 14.01 -11.94
C GLY A 105 -18.29 13.29 -11.00
N ARG A 106 -18.59 13.31 -9.71
CA ARG A 106 -17.74 12.64 -8.72
C ARG A 106 -17.83 11.12 -8.78
N VAL A 107 -16.68 10.46 -8.85
CA VAL A 107 -16.60 9.01 -8.91
C VAL A 107 -15.71 8.46 -7.78
N ASP A 108 -15.35 9.32 -6.83
CA ASP A 108 -14.49 8.92 -5.71
C ASP A 108 -15.28 8.41 -4.52
N HIS A 109 -14.71 7.45 -3.80
CA HIS A 109 -15.36 6.91 -2.61
C HIS A 109 -16.78 6.52 -3.00
N ASP A 110 -16.90 5.88 -4.16
CA ASP A 110 -18.21 5.48 -4.69
C ASP A 110 -18.55 4.08 -4.18
N LYS A 111 -19.69 3.96 -3.52
CA LYS A 111 -20.13 2.69 -2.95
C LYS A 111 -20.38 1.59 -3.97
N GLU A 112 -20.40 1.94 -5.25
CA GLU A 112 -20.64 0.92 -6.28
C GLU A 112 -19.46 0.80 -7.26
N LEU A 113 -18.71 1.88 -7.44
CA LEU A 113 -17.58 1.87 -8.34
C LEU A 113 -16.35 1.35 -7.60
N LEU A 114 -16.23 1.76 -6.33
CA LEU A 114 -15.10 1.35 -5.50
C LEU A 114 -13.83 1.32 -6.34
N LEU A 115 -13.50 2.46 -6.93
CA LEU A 115 -12.33 2.57 -7.79
C LEU A 115 -10.98 2.48 -7.10
N GLU A 116 -10.88 3.06 -5.91
CA GLU A 116 -9.63 3.05 -5.17
C GLU A 116 -9.23 1.64 -4.76
N ILE A 117 -10.22 0.79 -4.55
CA ILE A 117 -9.95 -0.58 -4.17
C ILE A 117 -9.33 -1.35 -5.34
N VAL A 118 -9.92 -1.24 -6.54
CA VAL A 118 -9.34 -1.94 -7.67
C VAL A 118 -8.03 -1.28 -8.06
N ASP A 119 -7.93 0.02 -7.84
CA ASP A 119 -6.67 0.70 -8.16
C ASP A 119 -5.61 0.05 -7.28
N ASN A 120 -5.97 -0.19 -6.01
CA ASN A 120 -5.02 -0.84 -5.10
C ASN A 120 -4.63 -2.20 -5.65
N GLU A 121 -5.61 -2.98 -6.08
CA GLU A 121 -5.33 -4.30 -6.63
C GLU A 121 -4.44 -4.17 -7.86
N MET A 122 -4.79 -3.24 -8.73
CA MET A 122 -4.02 -2.97 -9.93
C MET A 122 -2.55 -2.81 -9.50
N SER A 123 -2.34 -2.03 -8.46
CA SER A 123 -0.99 -1.78 -7.95
C SER A 123 -0.22 -3.04 -7.53
N LYS A 124 -0.92 -3.96 -6.86
CA LYS A 124 -0.32 -5.21 -6.40
C LYS A 124 0.01 -6.12 -7.60
N PHE A 125 -0.89 -6.10 -8.58
CA PHE A 125 -0.70 -6.87 -9.80
C PHE A 125 0.60 -6.41 -10.47
N ALA A 126 0.84 -5.11 -10.43
CA ALA A 126 2.05 -4.53 -11.02
C ALA A 126 3.29 -5.03 -10.30
N GLU A 127 3.26 -5.03 -8.97
CA GLU A 127 4.40 -5.51 -8.19
C GLU A 127 4.64 -6.98 -8.49
N LEU A 128 3.56 -7.76 -8.63
CA LEU A 128 3.63 -9.17 -8.93
C LEU A 128 4.19 -9.45 -10.32
N GLU A 129 3.79 -8.64 -11.29
CA GLU A 129 4.26 -8.81 -12.66
C GLU A 129 5.77 -8.62 -12.78
N PHE A 130 6.33 -7.69 -12.02
CA PHE A 130 7.77 -7.45 -12.11
C PHE A 130 8.58 -8.05 -10.97
N HIS A 131 7.91 -8.41 -9.89
CA HIS A 131 8.58 -9.03 -8.74
C HIS A 131 9.42 -10.23 -9.16
N GLN A 132 10.68 -10.23 -8.74
CA GLN A 132 11.59 -11.32 -9.04
C GLN A 132 11.46 -12.00 -10.40
N HIS A 133 11.78 -11.26 -11.47
CA HIS A 133 11.72 -11.80 -12.82
C HIS A 133 12.90 -11.28 -13.65
N LEU A 134 13.48 -10.16 -13.18
CA LEU A 134 14.62 -9.52 -13.82
C LEU A 134 14.32 -8.89 -15.19
N GLY A 135 13.85 -7.64 -15.16
CA GLY A 135 13.55 -6.91 -16.38
C GLY A 135 12.42 -7.49 -17.24
N VAL A 136 12.62 -8.73 -17.69
CA VAL A 136 11.68 -9.45 -18.55
C VAL A 136 10.55 -8.61 -19.14
N SER A 137 10.85 -7.99 -20.28
CA SER A 137 9.91 -7.15 -21.02
C SER A 137 9.23 -6.02 -20.23
N ASP A 138 9.79 -4.82 -20.36
CA ASP A 138 9.23 -3.65 -19.70
C ASP A 138 8.36 -2.93 -20.72
N CYS A 139 7.08 -2.77 -20.40
CA CYS A 139 6.14 -2.10 -21.28
C CYS A 139 5.77 -0.71 -20.77
N SER A 140 4.73 -0.11 -21.35
CA SER A 140 4.30 1.20 -20.92
C SER A 140 3.25 1.04 -19.83
N PHE A 141 3.15 2.03 -18.94
CA PHE A 141 2.17 1.95 -17.87
C PHE A 141 0.81 1.66 -18.50
N PHE A 142 0.59 2.25 -19.66
CA PHE A 142 -0.66 2.03 -20.38
C PHE A 142 -0.89 0.55 -20.68
N GLN A 143 0.11 -0.09 -21.28
CA GLN A 143 0.01 -1.50 -21.62
C GLN A 143 -0.25 -2.33 -20.35
N LEU A 144 0.52 -2.06 -19.30
CA LEU A 144 0.37 -2.78 -18.05
C LEU A 144 -1.08 -2.72 -17.57
N VAL A 145 -1.68 -1.55 -17.69
CA VAL A 145 -3.06 -1.38 -17.24
C VAL A 145 -3.98 -2.23 -18.12
N MET A 146 -3.69 -2.32 -19.41
CA MET A 146 -4.53 -3.11 -20.29
C MET A 146 -4.45 -4.60 -19.91
N LYS A 147 -3.24 -5.05 -19.61
CA LYS A 147 -3.07 -6.46 -19.24
C LYS A 147 -3.90 -6.79 -18.01
N TYR A 148 -3.88 -5.91 -17.02
CA TYR A 148 -4.65 -6.10 -15.79
C TYR A 148 -6.13 -6.22 -16.07
N LEU A 149 -6.63 -5.31 -16.89
CA LEU A 149 -8.04 -5.29 -17.24
C LEU A 149 -8.46 -6.58 -17.94
N LEU A 150 -7.61 -7.01 -18.86
CA LEU A 150 -7.88 -8.21 -19.62
C LEU A 150 -7.90 -9.42 -18.67
N GLN A 151 -6.84 -9.54 -17.90
CA GLN A 151 -6.66 -10.63 -16.94
C GLN A 151 -7.66 -10.68 -15.79
N ARG A 152 -8.24 -9.54 -15.41
CA ARG A 152 -9.16 -9.51 -14.28
C ARG A 152 -10.58 -9.06 -14.59
N ARG A 153 -10.89 -8.95 -15.88
CA ARG A 153 -12.23 -8.53 -16.29
C ARG A 153 -13.34 -9.35 -15.65
N GLN A 154 -13.10 -10.64 -15.42
CA GLN A 154 -14.09 -11.50 -14.81
C GLN A 154 -14.50 -11.01 -13.43
N PHE A 155 -13.60 -10.26 -12.79
CA PHE A 155 -13.86 -9.79 -11.44
C PHE A 155 -14.03 -8.28 -11.36
N LEU A 156 -14.28 -7.67 -12.52
CA LEU A 156 -14.48 -6.23 -12.63
C LEU A 156 -15.80 -5.96 -13.33
N THR A 157 -16.47 -4.88 -12.91
CA THR A 157 -17.73 -4.49 -13.53
C THR A 157 -17.41 -3.63 -14.75
N ASN A 158 -18.43 -3.33 -15.55
CA ASN A 158 -18.21 -2.52 -16.76
C ASN A 158 -17.73 -1.12 -16.44
N ASP A 159 -18.31 -0.52 -15.41
CA ASP A 159 -17.92 0.82 -15.01
C ASP A 159 -16.50 0.87 -14.42
N GLN A 160 -16.05 -0.23 -13.83
CA GLN A 160 -14.71 -0.25 -13.27
C GLN A 160 -13.70 -0.34 -14.40
N ILE A 161 -14.01 -1.15 -15.40
CA ILE A 161 -13.12 -1.29 -16.54
C ILE A 161 -13.02 0.03 -17.29
N ARG A 162 -14.09 0.82 -17.22
CA ARG A 162 -14.13 2.10 -17.90
C ARG A 162 -13.39 3.21 -17.17
N TYR A 163 -13.79 3.48 -15.93
CA TYR A 163 -13.19 4.54 -15.14
C TYR A 163 -11.85 4.25 -14.45
N LEU A 164 -11.63 3.03 -14.00
CA LEU A 164 -10.38 2.71 -13.31
C LEU A 164 -9.12 3.13 -14.06
N PRO A 165 -8.99 2.75 -15.34
CA PRO A 165 -7.79 3.15 -16.07
C PRO A 165 -7.61 4.67 -16.07
N GLN A 166 -8.71 5.41 -16.12
CA GLN A 166 -8.63 6.86 -16.11
C GLN A 166 -8.19 7.35 -14.73
N LEU A 167 -8.65 6.69 -13.68
CA LEU A 167 -8.28 7.11 -12.32
C LEU A 167 -6.83 6.77 -12.04
N CYS A 168 -6.42 5.56 -12.38
CA CYS A 168 -5.05 5.15 -12.12
C CYS A 168 -4.04 6.04 -12.82
N ARG A 169 -4.48 6.89 -13.73
CA ARG A 169 -3.54 7.77 -14.44
C ARG A 169 -3.03 8.98 -13.65
N TYR A 170 -3.48 9.15 -12.41
CA TYR A 170 -3.01 10.26 -11.59
C TYR A 170 -1.50 10.09 -11.48
N LEU A 171 -1.04 8.86 -11.65
CA LEU A 171 0.37 8.54 -11.60
C LEU A 171 1.16 9.27 -12.69
N GLU A 172 0.47 9.72 -13.73
CA GLU A 172 1.14 10.47 -14.79
C GLU A 172 1.68 11.75 -14.15
N LEU A 173 0.91 12.28 -13.20
CA LEU A 173 1.33 13.50 -12.52
C LEU A 173 2.47 13.30 -11.53
N TRP A 174 2.91 12.07 -11.35
CA TRP A 174 4.03 11.84 -10.44
C TRP A 174 5.34 11.78 -11.24
N HIS A 175 5.23 11.49 -12.53
CA HIS A 175 6.41 11.40 -13.40
C HIS A 175 6.41 12.53 -14.42
N GLY A 176 5.24 13.12 -14.64
CA GLY A 176 5.11 14.19 -15.61
C GLY A 176 5.20 13.59 -17.01
N LEU A 177 4.66 12.39 -17.14
CA LEU A 177 4.67 11.64 -18.39
C LEU A 177 3.34 10.91 -18.63
N ASP A 178 2.84 11.00 -19.87
CA ASP A 178 1.60 10.32 -20.26
C ASP A 178 1.83 8.82 -20.12
N TRP A 179 0.77 8.07 -19.80
CA TRP A 179 0.93 6.62 -19.59
C TRP A 179 1.47 5.78 -20.74
N LYS A 180 1.49 6.33 -21.95
CA LYS A 180 2.03 5.59 -23.08
C LYS A 180 3.51 5.87 -23.28
N LEU A 181 4.03 6.88 -22.60
CA LEU A 181 5.45 7.22 -22.71
C LEU A 181 6.19 6.65 -21.51
N LEU A 182 5.42 6.47 -20.42
CA LEU A 182 5.96 6.00 -19.16
C LEU A 182 6.26 4.52 -18.98
N SER A 183 7.45 4.24 -18.45
CA SER A 183 7.91 2.88 -18.16
C SER A 183 7.05 2.29 -17.06
N ALA A 184 6.43 1.14 -17.32
CA ALA A 184 5.58 0.46 -16.35
C ALA A 184 6.40 0.02 -15.15
N LYS A 185 7.62 -0.45 -15.42
CA LYS A 185 8.51 -0.92 -14.37
C LYS A 185 8.83 0.13 -13.32
N ASP A 186 8.76 1.41 -13.68
CA ASP A 186 9.11 2.48 -12.76
C ASP A 186 7.87 3.27 -12.27
N THR A 187 6.72 3.01 -12.87
CA THR A 187 5.49 3.70 -12.51
C THR A 187 5.19 3.82 -11.02
N TYR A 188 5.30 2.72 -10.28
CA TYR A 188 4.98 2.76 -8.85
C TYR A 188 6.18 3.08 -7.95
N PHE A 189 6.01 4.11 -7.10
CA PHE A 189 7.08 4.54 -6.20
C PHE A 189 6.77 4.11 -4.76
N GLY A 190 7.74 4.32 -3.87
CA GLY A 190 7.57 3.91 -2.48
C GLY A 190 7.18 4.93 -1.43
N HIS A 191 6.22 5.79 -1.75
CA HIS A 191 5.67 6.80 -0.84
C HIS A 191 6.12 6.52 0.62
N GLN A 192 7.32 6.96 0.99
CA GLN A 192 7.84 6.73 2.33
C GLN A 192 7.19 7.59 3.43
N GLY A 193 5.87 7.59 3.47
CA GLY A 193 5.15 8.38 4.45
C GLY A 193 4.44 9.56 3.77
N ARG A 194 3.88 10.46 4.56
CA ARG A 194 3.17 11.60 4.00
C ARG A 194 4.03 12.67 3.33
N ASN A 195 3.36 13.58 2.63
CA ASN A 195 4.02 14.68 1.95
C ASN A 195 3.71 15.94 2.73
N ALA A 196 4.65 16.87 2.76
CA ALA A 196 4.48 18.13 3.45
C ALA A 196 4.66 19.25 2.44
N PHE A 197 3.63 20.05 2.23
CA PHE A 197 3.68 21.15 1.25
C PHE A 197 4.61 22.24 1.79
N ALA A 198 5.69 22.52 1.08
CA ALA A 198 6.61 23.54 1.53
C ALA A 198 5.92 24.88 1.42
N LEU A 199 5.85 25.60 2.54
CA LEU A 199 5.23 26.92 2.51
C LEU A 199 6.36 27.87 2.30
N ASN A 200 6.92 27.78 1.10
CA ASN A 200 8.04 28.60 0.71
C ASN A 200 9.28 27.75 0.57
N TYR A 201 9.47 27.14 -0.60
CA TYR A 201 10.68 26.36 -0.81
C TYR A 201 11.81 27.39 -0.96
N ASP A 202 11.42 28.64 -1.23
CA ASP A 202 12.38 29.72 -1.39
C ASP A 202 13.10 29.96 -0.05
N SER A 203 12.44 29.59 1.04
CA SER A 203 13.02 29.73 2.37
C SER A 203 14.13 28.70 2.53
N VAL A 204 13.90 27.52 1.97
CA VAL A 204 14.90 26.46 2.03
C VAL A 204 16.09 26.89 1.19
N VAL A 205 15.81 27.42 0.00
CA VAL A 205 16.85 27.89 -0.90
C VAL A 205 17.64 29.04 -0.29
N GLN A 206 16.93 30.02 0.27
CA GLN A 206 17.59 31.18 0.87
C GLN A 206 18.50 30.77 2.03
N ARG A 207 17.99 29.91 2.91
CA ARG A 207 18.77 29.45 4.06
C ARG A 207 20.11 28.86 3.62
N ILE A 208 20.07 27.96 2.65
CA ILE A 208 21.29 27.34 2.18
C ILE A 208 22.19 28.35 1.45
N ALA A 209 21.61 29.24 0.65
CA ALA A 209 22.38 30.22 -0.09
C ALA A 209 23.14 31.16 0.85
N GLN A 210 22.51 31.49 1.97
CA GLN A 210 23.12 32.37 2.95
C GLN A 210 23.99 31.67 3.99
N SER A 211 24.38 30.43 3.72
CA SER A 211 25.20 29.69 4.67
C SER A 211 26.63 29.53 4.18
N PHE A 212 27.05 30.44 3.30
CA PHE A 212 28.41 30.41 2.78
C PHE A 212 28.74 31.79 2.20
N PRO A 213 30.03 32.10 2.02
CA PRO A 213 30.48 33.38 1.48
C PRO A 213 29.68 33.81 0.25
N GLN A 214 28.99 34.94 0.37
CA GLN A 214 28.18 35.47 -0.74
C GLN A 214 29.00 35.82 -1.98
N ASN A 215 30.28 36.15 -1.79
CA ASN A 215 31.12 36.51 -2.92
C ASN A 215 31.51 35.26 -3.72
N TRP A 216 31.05 34.11 -3.24
CA TRP A 216 31.31 32.83 -3.90
C TRP A 216 30.39 32.63 -5.10
N LEU A 217 29.22 33.25 -5.03
CA LEU A 217 28.20 33.15 -6.07
C LEU A 217 28.41 34.09 -7.25
N LYS A 218 28.29 33.53 -8.45
CA LYS A 218 28.42 34.28 -9.69
C LYS A 218 27.22 33.95 -10.56
N LEU A 219 26.26 34.88 -10.62
CA LEU A 219 25.06 34.67 -11.41
C LEU A 219 25.31 35.04 -12.87
N SER A 220 24.45 34.56 -13.76
CA SER A 220 24.58 34.84 -15.18
C SER A 220 25.89 34.31 -15.76
N CYS A 221 26.39 33.19 -15.24
CA CYS A 221 27.62 32.60 -15.76
C CYS A 221 27.25 31.30 -16.45
N GLU A 222 27.39 31.28 -17.76
CA GLU A 222 27.09 30.08 -18.51
C GLU A 222 28.42 29.38 -18.72
N VAL A 223 28.58 28.20 -18.13
CA VAL A 223 29.82 27.46 -18.30
C VAL A 223 29.75 26.82 -19.66
N LYS A 224 30.70 27.17 -20.53
CA LYS A 224 30.72 26.61 -21.89
C LYS A 224 31.51 25.32 -22.04
N SER A 225 32.51 25.12 -21.17
CA SER A 225 33.30 23.90 -21.26
C SER A 225 34.16 23.61 -20.02
N ILE A 226 34.37 22.32 -19.77
CA ILE A 226 35.19 21.87 -18.64
C ILE A 226 36.37 21.07 -19.14
N THR A 227 37.57 21.55 -18.80
CA THR A 227 38.82 20.93 -19.21
C THR A 227 39.55 20.25 -18.06
N ARG A 228 39.88 18.98 -18.26
CA ARG A 228 40.59 18.22 -17.25
C ARG A 228 42.03 18.07 -17.67
N GLU A 229 42.89 18.99 -17.21
CA GLU A 229 44.29 18.93 -17.56
C GLU A 229 44.97 17.82 -16.79
N PRO A 230 45.51 16.80 -17.49
CA PRO A 230 46.19 15.68 -16.82
C PRO A 230 47.22 16.10 -15.76
N SER A 231 47.59 17.39 -15.79
CA SER A 231 48.55 17.94 -14.84
C SER A 231 47.86 18.23 -13.51
N LYS A 232 47.06 17.27 -13.05
CA LYS A 232 46.34 17.42 -11.78
C LYS A 232 45.60 18.74 -11.59
N ASN A 233 44.67 19.05 -12.49
CA ASN A 233 43.91 20.30 -12.37
C ASN A 233 42.77 20.44 -13.39
N VAL A 234 41.73 21.18 -13.01
CA VAL A 234 40.56 21.39 -13.88
C VAL A 234 40.37 22.85 -14.28
N THR A 235 40.17 23.06 -15.57
CA THR A 235 39.97 24.38 -16.14
C THR A 235 38.50 24.62 -16.52
N VAL A 236 37.94 25.74 -16.07
CA VAL A 236 36.55 26.10 -16.33
C VAL A 236 36.42 27.55 -16.81
N ASN A 237 35.69 27.76 -17.89
CA ASN A 237 35.48 29.12 -18.41
C ASN A 237 34.03 29.41 -18.79
N CYS A 238 33.46 30.48 -18.22
CA CYS A 238 32.08 30.83 -18.54
C CYS A 238 32.05 31.37 -19.99
N GLU A 239 30.85 31.45 -20.56
CA GLU A 239 30.65 31.93 -21.93
C GLU A 239 31.14 33.35 -22.13
N ASP A 240 31.17 34.13 -21.06
CA ASP A 240 31.59 35.52 -21.11
C ASP A 240 33.11 35.66 -21.23
N GLY A 241 33.80 34.55 -21.45
CA GLY A 241 35.25 34.60 -21.60
C GLY A 241 36.10 34.35 -20.38
N THR A 242 35.61 34.69 -19.18
CA THR A 242 36.40 34.48 -17.97
C THR A 242 36.78 33.02 -17.84
N VAL A 243 37.94 32.78 -17.22
CA VAL A 243 38.42 31.43 -17.02
C VAL A 243 38.84 31.22 -15.56
N TYR A 244 38.44 30.09 -14.99
CA TYR A 244 38.78 29.75 -13.63
C TYR A 244 39.52 28.43 -13.62
N ASN A 245 40.31 28.22 -12.58
CA ASN A 245 41.08 26.98 -12.44
C ASN A 245 40.80 26.41 -11.07
N ALA A 246 40.55 25.11 -11.00
CA ALA A 246 40.27 24.46 -9.74
C ALA A 246 40.70 23.01 -9.75
N ASP A 247 41.02 22.50 -8.57
CA ASP A 247 41.43 21.11 -8.43
C ASP A 247 40.20 20.24 -8.53
N TYR A 248 39.09 20.71 -7.98
CA TYR A 248 37.84 19.96 -8.01
C TYR A 248 36.65 20.71 -8.59
N VAL A 249 35.85 19.98 -9.37
CA VAL A 249 34.69 20.54 -10.02
C VAL A 249 33.41 19.71 -9.77
N ILE A 250 32.40 20.35 -9.20
CA ILE A 250 31.13 19.67 -8.94
C ILE A 250 30.02 20.15 -9.87
N ILE A 251 29.79 19.41 -10.95
CA ILE A 251 28.77 19.74 -11.95
C ILE A 251 27.35 19.32 -11.54
N THR A 252 26.45 20.29 -11.39
CA THR A 252 25.09 19.94 -11.00
C THR A 252 24.04 20.31 -12.03
N VAL A 253 24.45 20.59 -13.26
CA VAL A 253 23.46 20.97 -14.27
C VAL A 253 22.50 19.80 -14.43
N PRO A 254 21.24 20.08 -14.77
CA PRO A 254 20.30 18.97 -14.91
C PRO A 254 20.62 17.99 -16.02
N GLN A 255 20.28 16.73 -15.77
CA GLN A 255 20.50 15.64 -16.70
C GLN A 255 20.19 16.04 -18.15
N SER A 256 19.09 16.76 -18.34
CA SER A 256 18.67 17.18 -19.67
C SER A 256 19.72 18.10 -20.31
N VAL A 257 20.29 18.97 -19.49
CA VAL A 257 21.30 19.89 -19.97
C VAL A 257 22.59 19.11 -20.22
N LEU A 258 22.96 18.29 -19.25
CA LEU A 258 24.18 17.50 -19.38
C LEU A 258 24.16 16.59 -20.61
N ASN A 259 22.97 16.12 -21.00
CA ASN A 259 22.83 15.24 -22.16
C ASN A 259 23.19 15.95 -23.49
N LEU A 260 23.36 17.27 -23.45
CA LEU A 260 23.71 18.01 -24.66
C LEU A 260 25.18 17.79 -25.01
N SER A 261 25.98 17.48 -24.00
CA SER A 261 27.40 17.24 -24.20
C SER A 261 27.66 16.05 -25.13
N VAL A 262 26.91 14.96 -24.92
CA VAL A 262 27.07 13.75 -25.73
C VAL A 262 26.47 13.89 -27.13
N GLN A 263 26.30 15.13 -27.57
CA GLN A 263 25.74 15.44 -28.88
C GLN A 263 26.60 16.56 -29.48
N PRO A 264 26.64 16.66 -30.82
CA PRO A 264 27.42 17.72 -31.48
C PRO A 264 26.80 19.11 -31.33
N GLU A 265 27.21 20.03 -32.20
CA GLU A 265 26.74 21.42 -32.17
C GLU A 265 26.83 21.97 -30.75
N LYS A 266 28.05 22.27 -30.31
CA LYS A 266 28.25 22.81 -28.97
C LYS A 266 27.79 24.25 -28.86
N ASN A 267 26.92 24.64 -29.78
CA ASN A 267 26.38 26.00 -29.82
C ASN A 267 25.18 26.14 -28.90
N LEU A 268 24.55 25.01 -28.57
CA LEU A 268 23.37 25.00 -27.72
C LEU A 268 23.53 25.70 -26.37
N ARG A 269 22.46 26.36 -25.95
CA ARG A 269 22.46 27.09 -24.69
C ARG A 269 22.55 26.17 -23.47
N GLY A 270 23.52 26.47 -22.62
CA GLY A 270 23.71 25.67 -21.42
C GLY A 270 24.62 24.48 -21.61
N ARG A 271 24.82 24.06 -22.85
CA ARG A 271 25.67 22.91 -23.14
C ARG A 271 27.14 23.11 -22.76
N ILE A 272 27.73 22.09 -22.15
CA ILE A 272 29.13 22.16 -21.74
C ILE A 272 29.96 21.16 -22.55
N GLU A 273 30.96 21.68 -23.26
CA GLU A 273 31.86 20.85 -24.06
C GLU A 273 32.88 20.24 -23.11
N PHE A 274 32.86 18.91 -23.01
CA PHE A 274 33.79 18.21 -22.14
C PHE A 274 35.04 17.75 -22.86
N GLN A 275 36.20 18.10 -22.29
CA GLN A 275 37.47 17.70 -22.86
C GLN A 275 38.38 17.35 -21.68
N PRO A 276 38.72 16.06 -21.53
CA PRO A 276 38.29 14.96 -22.41
C PRO A 276 36.79 14.68 -22.32
N PRO A 277 36.19 14.17 -23.41
CA PRO A 277 34.76 13.87 -23.43
C PRO A 277 34.34 12.94 -22.30
N LEU A 278 33.03 12.90 -22.03
CA LEU A 278 32.50 12.05 -20.97
C LEU A 278 32.62 10.58 -21.36
N LYS A 279 33.32 9.80 -20.54
CA LYS A 279 33.52 8.39 -20.83
C LYS A 279 32.23 7.69 -21.23
N PRO A 280 32.34 6.56 -21.95
CA PRO A 280 31.17 5.79 -22.41
C PRO A 280 30.16 5.45 -21.33
N VAL A 281 30.62 4.99 -20.18
CA VAL A 281 29.72 4.64 -19.09
C VAL A 281 28.72 5.78 -18.87
N ILE A 282 29.23 7.01 -18.91
CA ILE A 282 28.40 8.21 -18.73
C ILE A 282 27.48 8.34 -19.94
N GLN A 283 28.07 8.45 -21.11
CA GLN A 283 27.32 8.61 -22.35
C GLN A 283 26.30 7.48 -22.58
N ASP A 284 26.61 6.29 -22.08
CA ASP A 284 25.70 5.16 -22.23
C ASP A 284 24.48 5.38 -21.35
N ALA A 285 24.71 5.99 -20.19
CA ALA A 285 23.63 6.24 -19.25
C ALA A 285 22.45 6.94 -19.89
N PHE A 286 22.72 7.96 -20.70
CA PHE A 286 21.66 8.73 -21.34
C PHE A 286 20.73 7.94 -22.25
N ASP A 287 21.06 6.69 -22.54
CA ASP A 287 20.21 5.88 -23.40
C ASP A 287 19.21 5.09 -22.57
N LYS A 288 19.50 4.94 -21.27
CA LYS A 288 18.64 4.18 -20.36
C LYS A 288 17.94 5.04 -19.32
N ILE A 289 17.71 6.29 -19.64
CA ILE A 289 17.05 7.20 -18.73
C ILE A 289 16.64 8.43 -19.50
N HIS A 290 15.52 9.05 -19.10
CA HIS A 290 15.06 10.23 -19.81
C HIS A 290 14.60 11.35 -18.89
N PHE A 291 13.80 12.25 -19.44
CA PHE A 291 13.34 13.40 -18.69
C PHE A 291 11.84 13.62 -18.87
N GLY A 292 11.16 13.87 -17.76
CA GLY A 292 9.73 14.10 -17.82
C GLY A 292 9.44 15.58 -17.90
N ALA A 293 8.17 15.93 -18.07
CA ALA A 293 7.82 17.34 -18.18
C ALA A 293 6.65 17.74 -17.28
N LEU A 294 6.79 17.53 -15.98
CA LEU A 294 5.75 17.93 -15.05
C LEU A 294 5.65 19.45 -15.22
N GLY A 295 4.43 19.95 -15.33
CA GLY A 295 4.25 21.39 -15.48
C GLY A 295 3.18 21.87 -14.53
N LYS A 296 3.06 23.19 -14.39
CA LYS A 296 2.06 23.76 -13.50
C LYS A 296 1.34 24.99 -14.04
N VAL A 297 0.08 25.10 -13.66
CA VAL A 297 -0.75 26.23 -14.01
C VAL A 297 -1.40 26.67 -12.71
N ILE A 298 -1.26 27.94 -12.37
CA ILE A 298 -1.86 28.45 -11.14
C ILE A 298 -3.07 29.29 -11.51
N PHE A 299 -4.24 28.92 -11.00
CA PHE A 299 -5.46 29.67 -11.25
C PHE A 299 -5.80 30.46 -9.98
N GLU A 300 -5.58 31.78 -10.04
CA GLU A 300 -5.84 32.66 -8.90
C GLU A 300 -7.23 33.31 -8.91
N PHE A 301 -8.02 33.02 -7.87
CA PHE A 301 -9.36 33.60 -7.76
C PHE A 301 -9.43 34.73 -6.71
N GLU A 302 -10.41 35.61 -6.86
CA GLU A 302 -10.59 36.75 -5.95
C GLU A 302 -10.73 36.23 -4.52
N GLU A 303 -11.63 35.29 -4.34
CA GLU A 303 -11.84 34.70 -3.01
C GLU A 303 -12.44 33.30 -3.16
N CYS A 304 -12.43 32.54 -2.07
CA CYS A 304 -12.98 31.20 -2.10
C CYS A 304 -14.49 31.24 -2.01
N CYS A 305 -15.16 30.55 -2.93
CA CYS A 305 -16.61 30.50 -2.90
C CYS A 305 -17.05 29.08 -3.26
N TRP A 306 -16.12 28.15 -3.10
CA TRP A 306 -16.37 26.74 -3.38
C TRP A 306 -16.13 25.93 -2.11
N SER A 307 -16.64 24.71 -2.09
CA SER A 307 -16.48 23.85 -0.91
C SER A 307 -15.06 23.35 -0.72
N ASN A 308 -14.56 23.49 0.50
CA ASN A 308 -13.22 23.05 0.83
C ASN A 308 -13.20 21.65 1.43
N GLU A 309 -13.92 20.73 0.81
CA GLU A 309 -13.97 19.35 1.28
C GLU A 309 -12.59 18.69 1.24
N SER A 310 -11.86 18.95 0.15
CA SER A 310 -10.54 18.36 -0.02
C SER A 310 -9.59 19.32 -0.73
N SER A 311 -8.28 19.07 -0.60
CA SER A 311 -7.28 19.90 -1.23
C SER A 311 -6.69 19.18 -2.43
N LYS A 312 -7.10 17.93 -2.63
CA LYS A 312 -6.61 17.12 -3.74
C LYS A 312 -7.78 16.78 -4.66
N ILE A 313 -7.73 17.28 -5.90
CA ILE A 313 -8.79 17.03 -6.87
C ILE A 313 -8.22 16.62 -8.22
N VAL A 314 -8.69 15.52 -8.77
CA VAL A 314 -8.20 15.08 -10.06
C VAL A 314 -9.35 14.96 -11.05
N THR A 315 -9.21 15.60 -12.20
CA THR A 315 -10.23 15.52 -13.24
C THR A 315 -9.79 14.37 -14.13
N LEU A 316 -10.72 13.51 -14.51
CA LEU A 316 -10.39 12.37 -15.36
C LEU A 316 -10.59 12.61 -16.86
N ALA A 317 -9.72 12.03 -17.67
CA ALA A 317 -9.84 12.15 -19.11
C ALA A 317 -11.13 11.41 -19.48
N ASN A 318 -11.79 11.79 -20.57
CA ASN A 318 -13.04 11.14 -20.96
C ASN A 318 -12.83 9.64 -21.23
N SER A 319 -13.88 8.87 -21.03
CA SER A 319 -13.82 7.42 -21.27
C SER A 319 -15.04 6.98 -22.07
N THR A 320 -15.02 5.76 -22.60
CA THR A 320 -16.15 5.29 -23.39
C THR A 320 -16.58 3.86 -23.12
N ASN A 321 -17.89 3.62 -23.15
CA ASN A 321 -18.41 2.27 -22.94
C ASN A 321 -17.87 1.47 -24.11
N GLU A 322 -17.54 2.18 -25.18
CA GLU A 322 -16.97 1.57 -26.37
C GLU A 322 -15.70 0.83 -25.93
N PHE A 323 -14.92 1.49 -25.08
CA PHE A 323 -13.68 0.90 -24.59
C PHE A 323 -13.99 -0.40 -23.81
N VAL A 324 -15.02 -0.34 -22.98
CA VAL A 324 -15.44 -1.50 -22.19
C VAL A 324 -15.65 -2.69 -23.11
N GLU A 325 -16.55 -2.52 -24.06
CA GLU A 325 -16.90 -3.55 -25.03
C GLU A 325 -15.70 -4.24 -25.62
N ILE A 326 -14.66 -3.47 -25.94
CA ILE A 326 -13.46 -4.05 -26.51
C ILE A 326 -12.77 -4.98 -25.52
N VAL A 327 -12.76 -4.60 -24.25
CA VAL A 327 -12.13 -5.42 -23.22
C VAL A 327 -12.91 -6.71 -23.05
N ARG A 328 -14.23 -6.58 -23.04
CA ARG A 328 -15.11 -7.73 -22.89
C ARG A 328 -14.99 -8.70 -24.07
N ASN A 329 -14.54 -8.19 -25.21
CA ASN A 329 -14.44 -9.03 -26.41
C ASN A 329 -13.06 -9.54 -26.81
N ALA A 330 -12.00 -8.84 -26.40
CA ALA A 330 -10.65 -9.26 -26.77
C ALA A 330 -10.34 -10.71 -26.38
N GLU A 331 -9.89 -11.49 -27.35
CA GLU A 331 -9.55 -12.90 -27.13
C GLU A 331 -8.19 -13.03 -26.46
N ASN A 332 -7.33 -12.05 -26.70
CA ASN A 332 -6.00 -12.06 -26.11
C ASN A 332 -5.42 -10.65 -26.11
N LEU A 333 -4.16 -10.52 -25.71
CA LEU A 333 -3.51 -9.22 -25.67
C LEU A 333 -3.34 -8.61 -27.06
N ASP A 334 -2.71 -9.35 -27.97
CA ASP A 334 -2.48 -8.87 -29.33
C ASP A 334 -3.76 -8.39 -29.98
N GLU A 335 -4.87 -9.07 -29.70
CA GLU A 335 -6.15 -8.67 -30.28
C GLU A 335 -6.65 -7.37 -29.65
N LEU A 336 -6.34 -7.17 -28.37
CA LEU A 336 -6.75 -5.95 -27.66
C LEU A 336 -6.08 -4.77 -28.34
N ASP A 337 -4.79 -4.90 -28.60
CA ASP A 337 -4.01 -3.86 -29.27
C ASP A 337 -4.63 -3.45 -30.58
N SER A 338 -5.11 -4.43 -31.35
CA SER A 338 -5.73 -4.14 -32.64
C SER A 338 -7.07 -3.45 -32.45
N MET A 339 -7.95 -4.06 -31.66
CA MET A 339 -9.26 -3.49 -31.41
C MET A 339 -9.15 -2.07 -30.86
N LEU A 340 -8.04 -1.78 -30.19
CA LEU A 340 -7.81 -0.46 -29.62
C LEU A 340 -7.06 0.41 -30.62
N GLU A 341 -6.02 -0.16 -31.23
CA GLU A 341 -5.25 0.57 -32.22
C GLU A 341 -6.14 1.04 -33.36
N ARG A 342 -7.35 0.47 -33.42
CA ARG A 342 -8.32 0.82 -34.46
C ARG A 342 -9.53 1.52 -33.85
N GLU A 343 -9.58 1.60 -32.53
CA GLU A 343 -10.71 2.25 -31.87
C GLU A 343 -10.72 3.74 -32.15
N THR A 349 -9.04 13.46 -33.12
CA THR A 349 -8.06 14.54 -33.06
C THR A 349 -8.55 15.64 -32.11
N SER A 350 -7.72 16.66 -31.94
CA SER A 350 -8.03 17.80 -31.07
C SER A 350 -7.77 17.51 -29.59
N VAL A 351 -6.80 18.22 -29.03
CA VAL A 351 -6.48 18.07 -27.61
C VAL A 351 -7.27 19.09 -26.81
N THR A 352 -7.89 18.64 -25.73
CA THR A 352 -8.66 19.54 -24.87
C THR A 352 -8.28 19.29 -23.42
N CYS A 353 -8.96 19.97 -22.51
CA CYS A 353 -8.70 19.82 -21.09
C CYS A 353 -9.22 18.48 -20.58
N TRP A 354 -10.02 17.80 -21.40
CA TRP A 354 -10.57 16.51 -21.03
C TRP A 354 -9.83 15.35 -21.70
N SER A 355 -8.76 15.68 -22.43
CA SER A 355 -7.96 14.67 -23.12
C SER A 355 -6.95 13.95 -22.24
N GLN A 356 -6.77 14.44 -21.02
CA GLN A 356 -5.81 13.83 -20.09
C GLN A 356 -6.22 14.14 -18.66
N PRO A 357 -5.62 13.43 -17.69
CA PRO A 357 -5.98 13.72 -16.30
C PRO A 357 -5.24 14.97 -15.84
N LEU A 358 -5.93 15.78 -15.06
CA LEU A 358 -5.34 16.99 -14.53
C LEU A 358 -5.43 16.91 -13.01
N PHE A 359 -4.34 17.27 -12.34
CA PHE A 359 -4.29 17.23 -10.89
C PHE A 359 -4.36 18.64 -10.31
N PHE A 360 -5.45 18.91 -9.60
CA PHE A 360 -5.67 20.21 -8.98
C PHE A 360 -5.50 20.21 -7.46
N VAL A 361 -4.56 21.01 -6.98
CA VAL A 361 -4.35 21.15 -5.56
C VAL A 361 -5.21 22.34 -5.16
N ASN A 362 -6.20 22.11 -4.31
CA ASN A 362 -7.07 23.19 -3.84
C ASN A 362 -6.38 23.87 -2.65
N LEU A 363 -5.64 24.93 -2.94
CA LEU A 363 -4.90 25.65 -1.92
C LEU A 363 -5.72 26.33 -0.83
N SER A 364 -7.02 26.53 -1.07
CA SER A 364 -7.85 27.18 -0.07
C SER A 364 -7.87 26.37 1.22
N LYS A 365 -8.15 25.08 1.12
CA LYS A 365 -8.22 24.23 2.30
C LYS A 365 -6.89 24.00 3.02
N SER A 366 -5.80 23.92 2.25
CA SER A 366 -4.50 23.68 2.85
C SER A 366 -3.71 24.93 3.25
N THR A 367 -3.84 26.02 2.51
CA THR A 367 -3.07 27.22 2.84
C THR A 367 -3.92 28.47 3.03
N GLY A 368 -5.23 28.34 2.82
CA GLY A 368 -6.11 29.49 2.98
C GLY A 368 -6.13 30.43 1.79
N VAL A 369 -5.42 30.09 0.73
CA VAL A 369 -5.38 30.95 -0.44
C VAL A 369 -6.39 30.49 -1.50
N ALA A 370 -7.11 31.46 -2.06
CA ALA A 370 -8.12 31.19 -3.07
C ALA A 370 -7.51 30.91 -4.44
N SER A 371 -6.75 29.82 -4.56
CA SER A 371 -6.13 29.48 -5.82
C SER A 371 -6.06 27.96 -6.03
N PHE A 372 -5.79 27.55 -7.26
CA PHE A 372 -5.66 26.13 -7.57
C PHE A 372 -4.28 25.96 -8.17
N MET A 373 -3.52 24.99 -7.68
CA MET A 373 -2.23 24.72 -8.26
C MET A 373 -2.44 23.44 -9.05
N MET A 374 -2.62 23.59 -10.36
CA MET A 374 -2.84 22.45 -11.22
C MET A 374 -1.54 21.90 -11.81
N LEU A 375 -1.43 20.57 -11.82
CA LEU A 375 -0.26 19.91 -12.37
C LEU A 375 -0.66 19.23 -13.68
N MET A 376 0.24 19.27 -14.65
CA MET A 376 0.00 18.67 -15.96
C MET A 376 1.22 17.87 -16.39
N GLN A 377 1.08 17.08 -17.44
CA GLN A 377 2.17 16.25 -17.91
C GLN A 377 2.41 16.33 -19.42
N ALA A 378 3.50 15.70 -19.85
CA ALA A 378 3.83 15.65 -21.26
C ALA A 378 2.78 14.67 -21.85
N PRO A 379 2.37 14.87 -23.11
CA PRO A 379 2.80 15.89 -24.06
C PRO A 379 2.16 17.27 -23.82
N LEU A 380 1.14 17.31 -22.97
CA LEU A 380 0.43 18.55 -22.69
C LEU A 380 1.25 19.71 -22.13
N THR A 381 2.20 19.43 -21.25
CA THR A 381 3.00 20.49 -20.65
C THR A 381 3.63 21.49 -21.61
N ASN A 382 4.36 21.02 -22.61
CA ASN A 382 4.98 21.95 -23.53
C ASN A 382 3.98 22.78 -24.32
N HIS A 383 2.87 22.18 -24.73
CA HIS A 383 1.86 22.93 -25.48
C HIS A 383 1.30 24.10 -24.66
N ILE A 384 0.95 23.84 -23.40
CA ILE A 384 0.42 24.88 -22.52
C ILE A 384 1.47 25.93 -22.12
N GLU A 385 2.70 25.49 -21.87
CA GLU A 385 3.76 26.43 -21.50
C GLU A 385 4.07 27.30 -22.72
N SER A 386 3.82 26.76 -23.89
CA SER A 386 4.07 27.49 -25.14
C SER A 386 3.16 28.70 -25.28
N ILE A 387 1.96 28.63 -24.70
CA ILE A 387 1.00 29.73 -24.78
C ILE A 387 0.82 30.36 -23.40
N ARG A 388 1.87 30.30 -22.58
CA ARG A 388 1.78 30.84 -21.23
C ARG A 388 1.45 32.32 -21.12
N GLU A 389 1.61 33.07 -22.21
CA GLU A 389 1.32 34.50 -22.20
C GLU A 389 -0.08 34.79 -22.73
N ASP A 390 -0.72 33.80 -23.32
CA ASP A 390 -2.05 33.99 -23.88
C ASP A 390 -3.12 33.66 -22.85
N LYS A 391 -3.25 34.53 -21.85
CA LYS A 391 -4.21 34.32 -20.79
C LYS A 391 -5.61 33.97 -21.28
N GLU A 392 -6.14 34.74 -22.23
CA GLU A 392 -7.49 34.46 -22.74
C GLU A 392 -7.60 33.04 -23.26
N ARG A 393 -6.61 32.61 -24.04
CA ARG A 393 -6.62 31.27 -24.61
C ARG A 393 -6.48 30.21 -23.52
N LEU A 394 -5.62 30.49 -22.54
CA LEU A 394 -5.41 29.57 -21.42
C LEU A 394 -6.74 29.39 -20.72
N PHE A 395 -7.47 30.48 -20.51
CA PHE A 395 -8.76 30.40 -19.83
C PHE A 395 -9.80 29.59 -20.60
N SER A 396 -9.84 29.73 -21.92
CA SER A 396 -10.83 28.98 -22.69
C SER A 396 -10.49 27.49 -22.74
N PHE A 397 -9.23 27.16 -22.59
CA PHE A 397 -8.81 25.77 -22.62
C PHE A 397 -9.18 24.98 -21.36
N PHE A 398 -8.96 25.58 -20.19
CA PHE A 398 -9.25 24.92 -18.91
C PHE A 398 -10.63 25.24 -18.36
N GLN A 399 -11.28 26.23 -18.95
CA GLN A 399 -12.60 26.64 -18.47
C GLN A 399 -13.58 25.50 -18.18
N PRO A 400 -13.80 24.61 -19.14
CA PRO A 400 -14.77 23.52 -18.86
C PRO A 400 -14.42 22.61 -17.67
N VAL A 401 -13.15 22.26 -17.53
CA VAL A 401 -12.77 21.41 -16.42
C VAL A 401 -12.85 22.21 -15.12
N LEU A 402 -12.61 23.52 -15.23
CA LEU A 402 -12.68 24.41 -14.07
C LEU A 402 -14.13 24.55 -13.60
N ASN A 403 -15.07 24.62 -14.52
CA ASN A 403 -16.46 24.73 -14.11
C ASN A 403 -16.95 23.40 -13.59
N LYS A 404 -16.48 22.30 -14.18
CA LYS A 404 -16.89 20.99 -13.73
C LYS A 404 -16.51 20.83 -12.26
N ILE A 405 -15.33 21.37 -11.92
CA ILE A 405 -14.83 21.33 -10.55
C ILE A 405 -15.71 22.20 -9.66
N MET A 406 -15.94 23.44 -10.06
CA MET A 406 -16.77 24.33 -9.25
C MET A 406 -18.16 23.77 -9.00
N LYS A 407 -18.74 23.15 -10.03
CA LYS A 407 -20.06 22.57 -9.90
C LYS A 407 -20.03 21.46 -8.85
N CYS A 408 -19.03 20.58 -8.96
CA CYS A 408 -18.89 19.48 -8.02
C CYS A 408 -18.59 19.96 -6.62
N LEU A 409 -18.06 21.17 -6.49
CA LEU A 409 -17.73 21.73 -5.19
C LEU A 409 -18.78 22.74 -4.75
N ASP A 410 -20.02 22.50 -5.16
CA ASP A 410 -21.16 23.35 -4.84
C ASP A 410 -20.96 24.85 -5.11
N SER A 411 -20.56 25.16 -6.34
CA SER A 411 -20.33 26.55 -6.73
C SER A 411 -20.88 26.80 -8.13
N GLU A 412 -20.45 27.88 -8.77
CA GLU A 412 -20.94 28.22 -10.10
C GLU A 412 -19.80 28.28 -11.12
N ASP A 413 -20.18 28.50 -12.38
CA ASP A 413 -19.19 28.62 -13.46
C ASP A 413 -18.29 29.81 -13.17
N VAL A 414 -17.05 29.70 -13.62
CA VAL A 414 -16.04 30.73 -13.43
C VAL A 414 -16.29 31.97 -14.28
N ILE A 415 -15.90 33.12 -13.75
CA ILE A 415 -16.04 34.37 -14.47
C ILE A 415 -14.64 34.87 -14.79
N ASP A 416 -14.41 35.24 -16.05
CA ASP A 416 -13.11 35.75 -16.45
C ASP A 416 -12.93 37.17 -15.91
N GLY A 417 -12.14 37.31 -14.85
CA GLY A 417 -11.91 38.62 -14.28
C GLY A 417 -10.46 39.05 -14.35
N MET A 418 -9.71 38.51 -15.30
CA MET A 418 -8.31 38.85 -15.44
C MET A 418 -8.04 40.28 -15.91
N ARG A 419 -8.98 40.86 -16.67
CA ARG A 419 -8.83 42.22 -17.12
C ARG A 419 -9.56 43.12 -16.13
N PRO A 420 -8.88 44.14 -15.58
CA PRO A 420 -9.49 45.07 -14.62
C PRO A 420 -10.87 45.63 -15.00
N ILE A 421 -11.91 44.98 -14.47
CA ILE A 421 -13.31 45.36 -14.69
C ILE A 421 -14.10 44.83 -13.47
N GLU A 422 -15.07 45.60 -13.00
CA GLU A 422 -15.86 45.19 -11.83
C GLU A 422 -17.38 45.14 -12.02
N ASN A 423 -18.03 44.33 -11.19
CA ASN A 423 -19.49 44.17 -11.20
C ASN A 423 -19.95 43.64 -9.85
N ILE A 424 -20.90 44.32 -9.23
CA ILE A 424 -21.40 43.92 -7.93
C ILE A 424 -22.12 42.58 -7.88
N ALA A 425 -22.96 42.30 -8.88
CA ALA A 425 -23.73 41.05 -8.92
C ALA A 425 -22.90 39.81 -9.22
N ASN A 426 -21.74 39.69 -8.56
CA ASN A 426 -20.84 38.55 -8.73
C ASN A 426 -20.06 38.26 -7.44
N ALA A 427 -20.79 37.90 -6.38
CA ALA A 427 -20.15 37.60 -5.10
C ALA A 427 -20.21 36.12 -4.76
N ASN A 428 -21.23 35.44 -5.28
CA ASN A 428 -21.40 34.01 -5.05
C ASN A 428 -20.84 33.24 -6.25
N LYS A 429 -20.06 33.94 -7.07
CA LYS A 429 -19.45 33.35 -8.27
C LYS A 429 -17.94 33.41 -8.21
N PRO A 430 -17.26 32.32 -8.60
CA PRO A 430 -15.80 32.32 -8.58
C PRO A 430 -15.25 33.23 -9.67
N VAL A 431 -14.36 34.13 -9.30
CA VAL A 431 -13.79 35.08 -10.25
C VAL A 431 -12.29 34.90 -10.48
N LEU A 432 -11.94 34.40 -11.65
CA LEU A 432 -10.55 34.18 -12.02
C LEU A 432 -9.85 35.53 -12.20
N ARG A 433 -8.87 35.81 -11.35
CA ARG A 433 -8.17 37.08 -11.43
C ARG A 433 -6.83 36.96 -12.13
N ASN A 434 -6.28 35.75 -12.20
CA ASN A 434 -4.99 35.58 -12.82
C ASN A 434 -4.63 34.12 -13.05
N ILE A 435 -3.73 33.91 -14.02
CA ILE A 435 -3.25 32.58 -14.37
C ILE A 435 -1.73 32.65 -14.49
N ILE A 436 -1.03 31.73 -13.84
CA ILE A 436 0.42 31.70 -13.93
C ILE A 436 0.78 30.33 -14.42
N VAL A 437 1.64 30.28 -15.43
CA VAL A 437 2.05 28.99 -15.98
C VAL A 437 3.56 28.86 -15.79
N SER A 438 4.05 27.63 -15.71
CA SER A 438 5.47 27.39 -15.56
C SER A 438 6.12 27.54 -16.94
N ASN A 439 7.40 27.21 -17.06
CA ASN A 439 8.10 27.34 -18.33
C ASN A 439 9.30 26.43 -18.44
N TRP A 440 9.33 25.40 -17.59
CA TRP A 440 10.45 24.46 -17.53
C TRP A 440 10.84 23.75 -18.82
N THR A 441 9.87 23.36 -19.65
CA THR A 441 10.21 22.67 -20.89
C THR A 441 10.81 23.65 -21.91
N ARG A 442 10.66 24.96 -21.67
CA ARG A 442 11.18 25.96 -22.59
C ARG A 442 12.33 26.76 -22.01
N ASP A 443 12.68 26.48 -20.76
CA ASP A 443 13.80 27.16 -20.14
C ASP A 443 15.03 26.37 -20.60
N PRO A 444 15.94 27.01 -21.34
CA PRO A 444 17.12 26.28 -21.80
C PRO A 444 17.99 25.72 -20.67
N TYR A 445 17.79 26.22 -19.46
CA TYR A 445 18.59 25.75 -18.33
C TYR A 445 17.97 24.63 -17.49
N SER A 446 16.83 24.13 -17.93
CA SER A 446 16.15 23.04 -17.24
C SER A 446 15.63 22.03 -18.28
N ARG A 447 15.13 22.52 -19.41
CA ARG A 447 14.65 21.64 -20.48
C ARG A 447 13.86 20.45 -19.95
N GLY A 448 12.86 20.75 -19.15
CA GLY A 448 12.05 19.71 -18.56
C GLY A 448 11.94 19.84 -17.05
N ALA A 449 11.20 18.92 -16.43
CA ALA A 449 11.01 18.96 -15.00
C ALA A 449 12.06 18.19 -14.22
N TYR A 450 12.19 16.89 -14.50
CA TYR A 450 13.16 16.06 -13.81
C TYR A 450 13.29 14.67 -14.40
N SER A 451 14.24 13.90 -13.88
CA SER A 451 14.49 12.54 -14.34
C SER A 451 13.22 11.70 -14.36
N ALA A 452 13.07 10.92 -15.42
CA ALA A 452 11.92 10.04 -15.60
C ALA A 452 12.31 8.89 -16.54
N CYS A 453 11.48 7.85 -16.59
CA CYS A 453 11.77 6.68 -17.42
C CYS A 453 10.75 6.31 -18.50
N PHE A 454 11.24 6.07 -19.70
CA PHE A 454 10.39 5.63 -20.82
C PHE A 454 10.52 4.10 -20.70
N PRO A 455 9.57 3.36 -21.25
CA PRO A 455 9.73 1.90 -21.12
C PRO A 455 11.10 1.40 -21.58
N GLY A 456 11.75 0.60 -20.74
CA GLY A 456 13.05 0.06 -21.08
C GLY A 456 14.22 0.77 -20.41
N ASP A 457 13.95 1.86 -19.70
CA ASP A 457 15.03 2.57 -19.04
C ASP A 457 15.45 1.88 -17.75
N ASP A 458 16.59 2.30 -17.24
CA ASP A 458 17.13 1.75 -16.02
C ASP A 458 17.94 2.84 -15.32
N PRO A 459 17.27 3.59 -14.44
CA PRO A 459 17.84 4.70 -13.66
C PRO A 459 19.18 4.43 -12.98
N VAL A 460 19.36 3.25 -12.41
CA VAL A 460 20.60 2.91 -11.71
C VAL A 460 21.86 3.23 -12.52
N ASP A 461 21.84 2.95 -13.81
CA ASP A 461 23.00 3.22 -14.66
C ASP A 461 23.50 4.65 -14.53
N MET A 462 22.58 5.61 -14.69
CA MET A 462 22.92 7.00 -14.57
C MET A 462 23.37 7.30 -13.14
N VAL A 463 22.62 6.79 -12.16
CA VAL A 463 22.97 7.00 -10.76
C VAL A 463 24.41 6.57 -10.50
N VAL A 464 24.77 5.40 -11.01
CA VAL A 464 26.13 4.88 -10.84
C VAL A 464 27.10 5.74 -11.65
N ALA A 465 26.80 5.91 -12.94
CA ALA A 465 27.63 6.70 -13.84
C ALA A 465 27.98 8.06 -13.23
N MET A 466 26.97 8.71 -12.65
CA MET A 466 27.14 10.03 -12.04
C MET A 466 27.90 10.01 -10.72
N SER A 467 27.49 9.11 -9.83
CA SER A 467 28.12 8.99 -8.51
C SER A 467 29.61 8.64 -8.58
N ASN A 468 30.02 7.89 -9.59
CA ASN A 468 31.41 7.52 -9.73
C ASN A 468 32.24 8.60 -10.43
N GLY A 469 31.60 9.70 -10.78
CA GLY A 469 32.28 10.80 -11.44
C GLY A 469 32.96 10.53 -12.77
N GLN A 470 33.43 11.60 -13.41
CA GLN A 470 34.14 11.49 -14.68
C GLN A 470 35.58 11.11 -14.34
N ASP A 471 35.97 11.45 -13.11
CA ASP A 471 37.29 11.14 -12.56
C ASP A 471 37.37 11.75 -11.18
N SER A 472 38.52 11.62 -10.52
CA SER A 472 38.69 12.15 -9.18
C SER A 472 38.47 13.65 -9.01
N ARG A 473 38.52 14.41 -10.10
CA ARG A 473 38.36 15.85 -10.02
C ARG A 473 37.02 16.40 -10.56
N ILE A 474 36.48 15.78 -11.60
CA ILE A 474 35.21 16.20 -12.19
C ILE A 474 34.10 15.29 -11.68
N ARG A 475 33.28 15.81 -10.76
CA ARG A 475 32.18 15.05 -10.16
C ARG A 475 30.80 15.51 -10.60
N PHE A 476 29.77 14.87 -10.07
CA PHE A 476 28.40 15.22 -10.42
C PHE A 476 27.43 15.15 -9.25
N ALA A 477 26.53 16.12 -9.18
CA ALA A 477 25.50 16.19 -8.15
C ALA A 477 24.20 16.53 -8.88
N GLY A 478 23.07 16.39 -8.19
CA GLY A 478 21.79 16.68 -8.81
C GLY A 478 20.80 15.54 -8.67
N GLU A 479 19.52 15.89 -8.71
CA GLU A 479 18.42 14.91 -8.56
C GLU A 479 18.60 13.61 -9.35
N HIS A 480 19.46 13.64 -10.36
CA HIS A 480 19.69 12.48 -11.22
C HIS A 480 20.98 11.72 -10.89
N THR A 481 21.63 12.07 -9.79
CA THR A 481 22.89 11.42 -9.45
C THR A 481 22.79 10.60 -8.16
N ILE A 482 21.57 10.30 -7.74
CA ILE A 482 21.40 9.56 -6.49
C ILE A 482 20.18 8.61 -6.49
N MET A 483 20.24 7.59 -5.64
CA MET A 483 19.17 6.60 -5.56
C MET A 483 18.03 7.05 -4.64
N ASP A 484 18.34 7.27 -3.37
CA ASP A 484 17.32 7.73 -2.44
C ASP A 484 16.95 9.17 -2.76
N GLY A 485 15.68 9.38 -3.12
CA GLY A 485 15.21 10.72 -3.44
C GLY A 485 15.42 11.11 -4.90
N ALA A 486 15.58 10.12 -5.76
CA ALA A 486 15.77 10.36 -7.19
C ALA A 486 14.71 11.32 -7.72
N GLY A 487 15.17 12.35 -8.42
CA GLY A 487 14.25 13.34 -8.97
C GLY A 487 13.58 14.24 -7.95
N CYS A 488 13.91 14.09 -6.66
CA CYS A 488 13.30 14.91 -5.63
C CYS A 488 14.23 15.98 -5.10
N ALA A 489 13.67 16.96 -4.43
CA ALA A 489 14.46 18.06 -3.88
C ALA A 489 15.48 17.56 -2.86
N TYR A 490 15.13 16.57 -2.04
CA TYR A 490 16.09 16.09 -1.04
C TYR A 490 17.16 15.20 -1.66
N GLY A 491 16.83 14.59 -2.78
CA GLY A 491 17.81 13.73 -3.43
C GLY A 491 18.97 14.56 -3.94
N ALA A 492 18.67 15.65 -4.65
CA ALA A 492 19.69 16.54 -5.19
C ALA A 492 20.49 17.12 -4.04
N TRP A 493 19.77 17.53 -3.00
CA TRP A 493 20.37 18.11 -1.80
C TRP A 493 21.45 17.16 -1.28
N GLU A 494 21.07 15.92 -1.01
CA GLU A 494 22.00 14.93 -0.51
C GLU A 494 23.18 14.72 -1.44
N SER A 495 22.91 14.64 -2.74
CA SER A 495 23.98 14.45 -3.71
C SER A 495 25.00 15.57 -3.57
N GLY A 496 24.54 16.73 -3.11
CA GLY A 496 25.43 17.86 -2.93
C GLY A 496 26.36 17.67 -1.75
N ARG A 497 25.81 17.20 -0.64
CA ARG A 497 26.60 16.96 0.55
C ARG A 497 27.60 15.83 0.24
N ARG A 498 27.16 14.88 -0.58
CA ARG A 498 28.00 13.76 -0.96
C ARG A 498 29.29 14.21 -1.60
N GLU A 499 29.20 14.73 -2.83
CA GLU A 499 30.36 15.20 -3.55
C GLU A 499 31.13 16.18 -2.68
N ALA A 500 30.39 16.98 -1.91
CA ALA A 500 31.01 17.95 -1.03
C ALA A 500 31.93 17.27 -0.01
N THR A 501 31.36 16.43 0.85
CA THR A 501 32.14 15.74 1.87
C THR A 501 33.37 15.08 1.27
N ARG A 502 33.17 14.22 0.28
CA ARG A 502 34.27 13.54 -0.38
C ARG A 502 35.40 14.50 -0.72
N ILE A 503 35.08 15.56 -1.46
CA ILE A 503 36.07 16.57 -1.84
C ILE A 503 36.63 17.29 -0.62
N SER A 504 35.80 17.46 0.40
CA SER A 504 36.21 18.13 1.61
C SER A 504 37.31 17.35 2.33
N ASP A 505 37.11 16.05 2.53
CA ASP A 505 38.08 15.22 3.21
C ASP A 505 39.39 15.09 2.44
N LEU A 506 39.30 15.14 1.12
CA LEU A 506 40.49 15.03 0.28
C LEU A 506 41.30 16.33 0.28
N LEU A 507 40.95 17.23 1.18
CA LEU A 507 41.65 18.52 1.29
C LEU A 507 42.03 18.79 2.74
N LYS A 508 41.15 18.44 3.67
CA LYS A 508 41.39 18.66 5.09
C LYS A 508 42.60 17.86 5.57
N LEU A 509 42.51 16.54 5.52
CA LEU A 509 43.59 15.67 5.98
C LEU A 509 44.95 16.03 5.33
N GLU A 510 44.89 16.63 4.14
CA GLU A 510 46.12 17.03 3.44
C GLU A 510 47.08 17.76 4.36
N HIS A 511 46.85 19.05 4.57
CA HIS A 511 47.69 19.84 5.42
C HIS A 511 46.89 20.67 6.40
N SER B 5 -5.06 -58.74 11.26
CA SER B 5 -6.24 -57.92 11.69
C SER B 5 -6.18 -56.48 11.18
N PRO B 6 -5.05 -55.77 11.41
CA PRO B 6 -4.94 -54.39 10.94
C PRO B 6 -5.00 -54.27 9.42
N ALA B 7 -6.17 -53.87 8.91
CA ALA B 7 -6.37 -53.72 7.47
C ALA B 7 -5.31 -52.81 6.86
N LYS B 8 -4.75 -53.22 5.73
CA LYS B 8 -3.71 -52.45 5.03
C LYS B 8 -4.27 -51.34 4.16
N LYS B 9 -3.58 -50.20 4.18
CA LYS B 9 -3.97 -49.05 3.39
C LYS B 9 -2.72 -48.36 2.86
N LYS B 10 -2.83 -47.78 1.68
CA LYS B 10 -1.70 -47.08 1.08
C LYS B 10 -1.44 -45.78 1.83
N VAL B 11 -2.50 -45.01 2.05
CA VAL B 11 -2.38 -43.75 2.74
C VAL B 11 -3.54 -43.47 3.67
N ILE B 12 -3.22 -43.10 4.89
CA ILE B 12 -4.25 -42.77 5.85
C ILE B 12 -4.09 -41.31 6.26
N ILE B 13 -5.09 -40.52 5.89
CA ILE B 13 -5.11 -39.09 6.19
C ILE B 13 -5.91 -38.87 7.47
N ILE B 14 -5.34 -38.15 8.42
CA ILE B 14 -6.05 -37.86 9.67
C ILE B 14 -6.61 -36.44 9.62
N GLY B 15 -7.94 -36.32 9.63
CA GLY B 15 -8.60 -35.02 9.59
C GLY B 15 -9.22 -34.74 8.24
N ALA B 16 -10.50 -34.40 8.23
CA ALA B 16 -11.21 -34.12 6.96
C ALA B 16 -11.49 -32.64 6.74
N GLY B 17 -10.53 -31.81 7.13
CA GLY B 17 -10.64 -30.39 6.92
C GLY B 17 -10.22 -30.23 5.46
N ILE B 18 -10.09 -29.00 4.98
CA ILE B 18 -9.72 -28.79 3.60
C ILE B 18 -8.39 -29.41 3.19
N ALA B 19 -7.41 -29.43 4.10
CA ALA B 19 -6.11 -30.02 3.76
C ALA B 19 -6.26 -31.51 3.50
N GLY B 20 -6.77 -32.25 4.48
CA GLY B 20 -6.94 -33.69 4.32
C GLY B 20 -7.86 -34.01 3.15
N LEU B 21 -8.89 -33.20 2.98
CA LEU B 21 -9.81 -33.42 1.88
C LEU B 21 -9.10 -33.27 0.54
N LYS B 22 -8.29 -32.22 0.42
CA LYS B 22 -7.56 -32.00 -0.83
C LYS B 22 -6.51 -33.08 -1.02
N ALA B 23 -5.90 -33.53 0.06
CA ALA B 23 -4.88 -34.57 -0.02
C ALA B 23 -5.49 -35.83 -0.65
N ALA B 24 -6.63 -36.27 -0.10
CA ALA B 24 -7.32 -37.44 -0.62
C ALA B 24 -7.66 -37.24 -2.09
N SER B 25 -8.17 -36.05 -2.41
CA SER B 25 -8.54 -35.73 -3.78
C SER B 25 -7.35 -35.93 -4.70
N THR B 26 -6.23 -35.34 -4.31
CA THR B 26 -5.01 -35.44 -5.10
C THR B 26 -4.53 -36.89 -5.21
N LEU B 27 -4.65 -37.65 -4.13
CA LEU B 27 -4.25 -39.06 -4.16
C LEU B 27 -5.08 -39.85 -5.16
N HIS B 28 -6.40 -39.66 -5.14
CA HIS B 28 -7.32 -40.35 -6.05
C HIS B 28 -7.08 -39.91 -7.49
N GLN B 29 -6.80 -38.62 -7.64
CA GLN B 29 -6.53 -38.05 -8.95
C GLN B 29 -5.29 -38.67 -9.58
N ASN B 30 -4.35 -39.10 -8.75
CA ASN B 30 -3.13 -39.71 -9.25
C ASN B 30 -3.18 -41.24 -9.28
N GLY B 31 -4.40 -41.78 -9.15
CA GLY B 31 -4.57 -43.23 -9.20
C GLY B 31 -4.25 -44.06 -7.97
N ILE B 32 -4.09 -43.42 -6.81
CA ILE B 32 -3.77 -44.18 -5.61
C ILE B 32 -5.05 -44.71 -5.01
N GLN B 33 -5.02 -45.98 -4.60
CA GLN B 33 -6.19 -46.62 -4.04
C GLN B 33 -6.01 -47.11 -2.63
N ASP B 34 -7.10 -47.52 -2.01
CA ASP B 34 -7.08 -48.03 -0.65
C ASP B 34 -6.50 -47.02 0.32
N CYS B 35 -7.16 -45.87 0.39
CA CYS B 35 -6.76 -44.81 1.28
C CYS B 35 -7.90 -44.57 2.25
N LEU B 36 -7.59 -43.90 3.35
CA LEU B 36 -8.59 -43.60 4.37
C LEU B 36 -8.48 -42.18 4.86
N VAL B 37 -9.64 -41.56 5.13
CA VAL B 37 -9.67 -40.23 5.69
C VAL B 37 -10.42 -40.40 6.99
N LEU B 38 -9.70 -40.29 8.11
CA LEU B 38 -10.32 -40.44 9.44
C LEU B 38 -10.62 -39.07 10.06
N GLU B 39 -11.89 -38.80 10.32
CA GLU B 39 -12.33 -37.53 10.89
C GLU B 39 -13.05 -37.71 12.23
N ALA B 40 -12.62 -36.97 13.25
CA ALA B 40 -13.21 -37.06 14.59
C ALA B 40 -14.67 -36.56 14.72
N ARG B 41 -14.97 -35.44 14.06
CA ARG B 41 -16.33 -34.87 14.12
C ARG B 41 -17.29 -35.65 13.24
N ASP B 42 -18.59 -35.35 13.36
CA ASP B 42 -19.60 -36.04 12.54
C ASP B 42 -19.80 -35.41 11.17
N ARG B 43 -18.84 -34.57 10.74
CA ARG B 43 -18.90 -33.90 9.45
C ARG B 43 -17.51 -33.62 8.90
N VAL B 44 -17.43 -33.32 7.61
CA VAL B 44 -16.15 -32.97 7.00
C VAL B 44 -16.13 -31.44 6.95
N GLY B 45 -14.99 -30.86 6.56
CA GLY B 45 -14.91 -29.42 6.47
C GLY B 45 -14.02 -28.78 7.52
N GLY B 46 -14.08 -29.31 8.75
CA GLY B 46 -13.26 -28.76 9.81
C GLY B 46 -13.50 -27.28 10.06
N ARG B 47 -12.43 -26.48 9.98
CA ARG B 47 -12.58 -25.05 10.21
C ARG B 47 -13.37 -24.34 9.13
N LEU B 48 -13.95 -25.13 8.23
CA LEU B 48 -14.83 -24.62 7.18
C LEU B 48 -16.16 -25.29 7.52
N GLN B 49 -17.09 -24.50 8.04
CA GLN B 49 -18.41 -25.02 8.39
C GLN B 49 -19.50 -23.98 8.14
N THR B 50 -20.51 -24.37 7.38
CA THR B 50 -21.60 -23.45 7.11
C THR B 50 -22.77 -23.88 7.98
N VAL B 51 -23.23 -23.00 8.85
CA VAL B 51 -24.35 -23.32 9.72
C VAL B 51 -25.62 -22.63 9.25
N THR B 52 -26.76 -23.08 9.77
CA THR B 52 -28.06 -22.52 9.39
C THR B 52 -28.65 -21.70 10.53
N GLY B 53 -29.33 -20.61 10.18
CA GLY B 53 -29.94 -19.76 11.18
C GLY B 53 -31.38 -19.40 10.88
N TYR B 54 -31.77 -18.23 11.36
CA TYR B 54 -33.12 -17.72 11.17
C TYR B 54 -33.64 -17.90 9.73
N GLN B 55 -34.70 -18.69 9.58
CA GLN B 55 -35.33 -18.91 8.28
C GLN B 55 -34.51 -19.63 7.21
N GLY B 56 -33.52 -20.40 7.60
CA GLY B 56 -32.74 -21.09 6.59
C GLY B 56 -31.63 -20.26 5.99
N ARG B 57 -31.36 -19.10 6.60
CA ARG B 57 -30.28 -18.23 6.13
C ARG B 57 -29.00 -18.99 6.48
N LYS B 58 -28.04 -19.00 5.56
CA LYS B 58 -26.78 -19.72 5.79
C LYS B 58 -25.61 -18.79 6.07
N TYR B 59 -24.70 -19.25 6.92
CA TYR B 59 -23.52 -18.45 7.24
C TYR B 59 -22.30 -19.33 7.49
N ASP B 60 -21.15 -18.85 7.05
CA ASP B 60 -19.91 -19.57 7.29
C ASP B 60 -19.44 -19.13 8.67
N ILE B 61 -19.40 -20.06 9.61
CA ILE B 61 -19.00 -19.75 10.98
C ILE B 61 -17.48 -19.92 11.16
N GLY B 62 -16.84 -20.49 10.14
CA GLY B 62 -15.39 -20.65 10.14
C GLY B 62 -14.88 -19.66 9.10
N ALA B 63 -14.11 -20.12 8.11
CA ALA B 63 -13.59 -19.25 7.07
C ALA B 63 -14.69 -18.69 6.15
N SER B 64 -14.53 -17.44 5.72
CA SER B 64 -15.53 -16.81 4.86
C SER B 64 -14.99 -16.28 3.54
N TRP B 65 -13.74 -15.85 3.54
CA TRP B 65 -13.18 -15.29 2.32
C TRP B 65 -12.08 -16.05 1.64
N HIS B 66 -11.96 -15.78 0.35
CA HIS B 66 -10.89 -16.31 -0.48
C HIS B 66 -9.96 -15.11 -0.45
N HIS B 67 -8.82 -15.26 0.21
CA HIS B 67 -7.87 -14.15 0.28
C HIS B 67 -6.91 -14.27 -0.89
N ASP B 68 -6.22 -13.17 -1.18
CA ASP B 68 -5.23 -13.13 -2.26
C ASP B 68 -5.75 -13.66 -3.58
N THR B 69 -6.90 -13.18 -4.01
CA THR B 69 -7.51 -13.64 -5.26
C THR B 69 -6.70 -13.43 -6.54
N LEU B 70 -5.52 -12.84 -6.45
CA LEU B 70 -4.69 -12.64 -7.65
C LEU B 70 -3.84 -13.86 -7.87
N THR B 71 -3.53 -14.56 -6.77
CA THR B 71 -2.67 -15.73 -6.80
C THR B 71 -3.27 -16.98 -6.11
N ASN B 72 -4.33 -16.80 -5.34
CA ASN B 72 -4.97 -17.91 -4.63
C ASN B 72 -5.34 -19.04 -5.57
N PRO B 73 -4.60 -20.15 -5.54
CA PRO B 73 -4.93 -21.25 -6.44
C PRO B 73 -6.32 -21.87 -6.20
N LEU B 74 -6.74 -21.93 -4.95
CA LEU B 74 -8.06 -22.48 -4.65
C LEU B 74 -9.12 -21.58 -5.25
N PHE B 75 -8.97 -20.27 -5.06
CA PHE B 75 -9.91 -19.32 -5.60
C PHE B 75 -10.00 -19.40 -7.12
N LEU B 76 -8.83 -19.32 -7.79
CA LEU B 76 -8.79 -19.35 -9.23
C LEU B 76 -9.52 -20.57 -9.74
N GLU B 77 -9.33 -21.69 -9.06
CA GLU B 77 -9.99 -22.93 -9.43
C GLU B 77 -11.50 -22.73 -9.35
N GLU B 78 -11.96 -22.09 -8.29
CA GLU B 78 -13.39 -21.83 -8.12
C GLU B 78 -13.84 -20.89 -9.23
N ALA B 79 -13.03 -19.86 -9.49
CA ALA B 79 -13.33 -18.85 -10.50
C ALA B 79 -13.56 -19.46 -11.88
N GLN B 80 -12.73 -20.44 -12.24
CA GLN B 80 -12.84 -21.10 -13.53
C GLN B 80 -14.22 -21.78 -13.67
N LEU B 81 -14.61 -22.53 -12.64
CA LEU B 81 -15.89 -23.22 -12.65
C LEU B 81 -17.04 -22.24 -12.89
N SER B 82 -16.99 -21.09 -12.24
CA SER B 82 -18.04 -20.07 -12.37
C SER B 82 -18.05 -19.43 -13.75
N LEU B 83 -16.91 -19.46 -14.42
CA LEU B 83 -16.83 -18.89 -15.76
C LEU B 83 -17.52 -19.83 -16.74
N ASN B 84 -17.37 -21.14 -16.48
CA ASN B 84 -17.93 -22.19 -17.32
C ASN B 84 -19.43 -22.44 -17.19
N ASP B 85 -20.01 -22.14 -16.03
CA ASP B 85 -21.44 -22.39 -15.86
C ASP B 85 -22.21 -21.20 -15.34
N GLY B 86 -21.53 -20.07 -15.19
CA GLY B 86 -22.17 -18.86 -14.73
C GLY B 86 -22.80 -18.93 -13.35
N ARG B 87 -22.34 -19.84 -12.51
CA ARG B 87 -22.89 -19.96 -11.17
C ARG B 87 -22.14 -19.06 -10.19
N THR B 88 -22.89 -18.38 -9.34
CA THR B 88 -22.31 -17.49 -8.34
C THR B 88 -21.79 -18.30 -7.15
N ARG B 89 -20.47 -18.38 -7.02
CA ARG B 89 -19.86 -19.13 -5.92
C ARG B 89 -19.27 -18.19 -4.86
N PHE B 90 -19.09 -16.93 -5.23
CA PHE B 90 -18.52 -15.95 -4.32
C PHE B 90 -18.92 -14.55 -4.77
N VAL B 91 -18.52 -13.55 -3.99
CA VAL B 91 -18.81 -12.17 -4.33
C VAL B 91 -17.71 -11.26 -3.79
N PHE B 92 -17.18 -10.39 -4.64
CA PHE B 92 -16.12 -9.48 -4.19
C PHE B 92 -16.79 -8.41 -3.33
N ASP B 93 -16.60 -8.52 -2.02
CA ASP B 93 -17.23 -7.60 -1.09
C ASP B 93 -16.33 -6.59 -0.38
N ASP B 94 -15.15 -6.31 -0.94
CA ASP B 94 -14.32 -5.31 -0.29
C ASP B 94 -15.11 -4.02 -0.46
N ASP B 95 -15.00 -3.10 0.49
CA ASP B 95 -15.76 -1.86 0.43
C ASP B 95 -15.00 -0.82 1.25
N ASN B 96 -15.43 0.44 1.15
CA ASN B 96 -14.78 1.49 1.92
C ASN B 96 -15.22 1.32 3.36
N PHE B 97 -14.26 1.10 4.25
CA PHE B 97 -14.55 0.89 5.66
C PHE B 97 -15.23 2.06 6.34
N ILE B 98 -16.26 1.75 7.12
CA ILE B 98 -16.96 2.76 7.88
C ILE B 98 -16.45 2.52 9.29
N TYR B 99 -15.87 3.55 9.90
CA TYR B 99 -15.34 3.43 11.25
C TYR B 99 -16.20 4.24 12.21
N ILE B 100 -16.43 3.69 13.39
CA ILE B 100 -17.29 4.33 14.36
C ILE B 100 -16.75 4.38 15.78
N ASP B 101 -16.80 5.57 16.37
CA ASP B 101 -16.37 5.79 17.74
C ASP B 101 -17.67 5.90 18.53
N GLU B 102 -17.66 5.50 19.78
CA GLU B 102 -18.88 5.57 20.58
C GLU B 102 -19.45 6.97 20.66
N GLU B 103 -18.58 7.97 20.79
CA GLU B 103 -19.04 9.35 20.88
C GLU B 103 -18.97 10.02 19.52
N ARG B 104 -17.73 10.27 19.10
CA ARG B 104 -17.40 10.93 17.84
C ARG B 104 -18.10 10.40 16.57
N GLY B 105 -18.85 9.30 16.68
CA GLY B 105 -19.55 8.75 15.53
C GLY B 105 -18.65 8.26 14.41
N ARG B 106 -19.10 8.40 13.16
CA ARG B 106 -18.29 7.98 12.01
C ARG B 106 -17.01 8.82 11.95
N VAL B 107 -15.88 8.18 11.72
CA VAL B 107 -14.61 8.87 11.65
C VAL B 107 -13.82 8.48 10.40
N ASP B 108 -14.46 7.71 9.53
CA ASP B 108 -13.81 7.29 8.30
C ASP B 108 -13.88 8.39 7.27
N HIS B 109 -12.99 8.35 6.29
CA HIS B 109 -12.99 9.32 5.22
C HIS B 109 -13.35 10.70 5.79
N ASP B 110 -12.62 11.11 6.82
CA ASP B 110 -12.86 12.39 7.49
C ASP B 110 -11.84 13.42 7.03
N LYS B 111 -12.33 14.52 6.45
CA LYS B 111 -11.49 15.58 5.91
C LYS B 111 -10.52 16.23 6.90
N GLU B 112 -10.75 16.04 8.19
CA GLU B 112 -9.86 16.61 9.21
C GLU B 112 -9.05 15.53 9.89
N LEU B 113 -9.71 14.41 10.24
CA LEU B 113 -9.03 13.30 10.91
C LEU B 113 -8.07 12.56 9.97
N LEU B 114 -8.50 12.41 8.71
CA LEU B 114 -7.68 11.75 7.70
C LEU B 114 -6.98 10.50 8.25
N LEU B 115 -7.71 9.76 9.08
CA LEU B 115 -7.18 8.55 9.72
C LEU B 115 -6.60 7.52 8.76
N GLU B 116 -7.27 7.29 7.64
CA GLU B 116 -6.78 6.32 6.69
C GLU B 116 -5.40 6.71 6.16
N ILE B 117 -5.15 8.02 6.04
CA ILE B 117 -3.86 8.46 5.53
C ILE B 117 -2.72 8.25 6.51
N VAL B 118 -2.90 8.59 7.77
CA VAL B 118 -1.83 8.39 8.74
C VAL B 118 -1.66 6.88 9.00
N ASP B 119 -2.76 6.13 8.87
CA ASP B 119 -2.70 4.68 9.06
C ASP B 119 -1.74 4.14 8.00
N ASN B 120 -1.86 4.67 6.78
CA ASN B 120 -0.98 4.26 5.70
C ASN B 120 0.47 4.56 6.04
N GLU B 121 0.73 5.73 6.62
CA GLU B 121 2.10 6.12 7.00
C GLU B 121 2.62 5.17 8.08
N MET B 122 1.75 4.78 8.99
CA MET B 122 2.12 3.86 10.07
C MET B 122 2.61 2.51 9.54
N SER B 123 1.87 1.93 8.59
CA SER B 123 2.27 0.66 8.05
C SER B 123 3.56 0.83 7.28
N LYS B 124 3.76 2.01 6.70
CA LYS B 124 5.00 2.27 5.96
C LYS B 124 6.12 2.37 7.00
N PHE B 125 5.79 2.92 8.16
CA PHE B 125 6.73 3.05 9.28
C PHE B 125 7.18 1.67 9.79
N ALA B 126 6.21 0.78 10.01
CA ALA B 126 6.49 -0.58 10.48
C ALA B 126 7.39 -1.30 9.48
N GLU B 127 7.02 -1.20 8.22
CA GLU B 127 7.78 -1.81 7.13
C GLU B 127 9.24 -1.33 7.16
N LEU B 128 9.44 -0.03 7.37
CA LEU B 128 10.79 0.51 7.41
C LEU B 128 11.52 0.06 8.66
N GLU B 129 10.77 -0.17 9.72
CA GLU B 129 11.35 -0.58 11.00
C GLU B 129 11.97 -1.98 10.96
N PHE B 130 11.27 -2.94 10.38
CA PHE B 130 11.77 -4.32 10.32
C PHE B 130 12.50 -4.72 9.04
N HIS B 131 12.07 -4.17 7.90
CA HIS B 131 12.70 -4.49 6.62
C HIS B 131 14.13 -3.96 6.57
N GLN B 132 15.08 -4.89 6.41
CA GLN B 132 16.48 -4.52 6.33
C GLN B 132 17.20 -4.47 7.67
N HIS B 133 16.49 -4.01 8.69
CA HIS B 133 17.08 -3.90 10.03
C HIS B 133 17.17 -5.23 10.79
N LEU B 134 18.00 -6.14 10.30
CA LEU B 134 18.17 -7.43 10.97
C LEU B 134 18.57 -7.25 12.42
N GLY B 135 18.13 -8.17 13.27
CA GLY B 135 18.49 -8.08 14.68
C GLY B 135 17.57 -7.28 15.57
N VAL B 136 16.67 -6.52 14.97
CA VAL B 136 15.74 -5.72 15.75
C VAL B 136 14.83 -6.67 16.55
N SER B 137 14.60 -6.35 17.81
CA SER B 137 13.73 -7.17 18.64
C SER B 137 12.29 -7.09 18.14
N ASP B 138 11.48 -8.05 18.54
CA ASP B 138 10.10 -8.12 18.10
C ASP B 138 9.03 -7.19 18.68
N CYS B 139 8.83 -7.18 19.99
CA CYS B 139 7.80 -6.33 20.61
C CYS B 139 6.38 -6.57 20.06
N SER B 140 5.38 -6.13 20.82
CA SER B 140 3.99 -6.28 20.41
C SER B 140 3.55 -5.19 19.42
N PHE B 141 2.42 -5.43 18.76
CA PHE B 141 1.92 -4.49 17.79
C PHE B 141 1.65 -3.16 18.50
N PHE B 142 1.06 -3.24 19.69
CA PHE B 142 0.74 -2.08 20.52
C PHE B 142 1.99 -1.22 20.74
N GLN B 143 3.08 -1.85 21.12
CA GLN B 143 4.33 -1.14 21.36
C GLN B 143 4.80 -0.50 20.07
N LEU B 144 4.52 -1.15 18.95
CA LEU B 144 4.93 -0.62 17.65
C LEU B 144 4.17 0.68 17.34
N VAL B 145 2.88 0.70 17.66
CA VAL B 145 2.05 1.87 17.42
C VAL B 145 2.43 3.02 18.36
N MET B 146 2.81 2.68 19.58
CA MET B 146 3.20 3.70 20.54
C MET B 146 4.49 4.35 20.05
N LYS B 147 5.39 3.52 19.52
CA LYS B 147 6.65 4.03 19.03
C LYS B 147 6.39 4.95 17.84
N TYR B 148 5.38 4.63 17.03
CA TYR B 148 5.06 5.46 15.89
C TYR B 148 4.61 6.84 16.38
N LEU B 149 3.64 6.84 17.29
CA LEU B 149 3.13 8.08 17.86
C LEU B 149 4.23 8.94 18.47
N LEU B 150 5.20 8.30 19.10
CA LEU B 150 6.30 9.02 19.73
C LEU B 150 7.16 9.72 18.71
N GLN B 151 7.58 8.96 17.70
CA GLN B 151 8.44 9.50 16.66
C GLN B 151 7.78 10.53 15.74
N ARG B 152 6.46 10.47 15.59
CA ARG B 152 5.77 11.37 14.68
C ARG B 152 4.81 12.33 15.35
N ARG B 153 4.85 12.41 16.69
CA ARG B 153 3.95 13.30 17.43
C ARG B 153 3.97 14.75 16.90
N GLN B 154 5.12 15.23 16.45
CA GLN B 154 5.22 16.59 15.92
C GLN B 154 4.41 16.77 14.66
N PHE B 155 4.10 15.66 13.98
CA PHE B 155 3.36 15.74 12.74
C PHE B 155 1.96 15.13 12.77
N LEU B 156 1.37 15.08 13.95
CA LEU B 156 0.02 14.53 14.12
C LEU B 156 -0.83 15.44 15.02
N THR B 157 -2.10 15.60 14.69
CA THR B 157 -3.00 16.41 15.50
C THR B 157 -3.44 15.56 16.70
N ASN B 158 -3.92 16.20 17.76
CA ASN B 158 -4.35 15.47 18.93
C ASN B 158 -5.34 14.37 18.56
N ASP B 159 -6.37 14.72 17.81
CA ASP B 159 -7.38 13.76 17.40
C ASP B 159 -6.81 12.55 16.65
N GLN B 160 -5.76 12.77 15.86
CA GLN B 160 -5.15 11.67 15.13
C GLN B 160 -4.44 10.75 16.11
N ILE B 161 -3.77 11.33 17.09
CA ILE B 161 -3.07 10.54 18.10
C ILE B 161 -4.08 9.75 18.92
N ARG B 162 -5.29 10.28 19.06
CA ARG B 162 -6.29 9.61 19.84
C ARG B 162 -6.97 8.45 19.13
N TYR B 163 -7.37 8.68 17.88
CA TYR B 163 -8.09 7.67 17.12
C TYR B 163 -7.29 6.73 16.23
N LEU B 164 -6.14 7.17 15.70
CA LEU B 164 -5.38 6.29 14.83
C LEU B 164 -5.13 4.94 15.48
N PRO B 165 -4.52 4.93 16.67
CA PRO B 165 -4.24 3.67 17.36
C PRO B 165 -5.46 2.76 17.48
N GLN B 166 -6.64 3.34 17.68
CA GLN B 166 -7.84 2.53 17.80
C GLN B 166 -8.24 2.01 16.44
N LEU B 167 -8.15 2.85 15.42
CA LEU B 167 -8.53 2.45 14.07
C LEU B 167 -7.61 1.40 13.44
N CYS B 168 -6.29 1.50 13.68
CA CYS B 168 -5.39 0.53 13.07
C CYS B 168 -5.45 -0.84 13.75
N ARG B 169 -6.22 -0.94 14.83
CA ARG B 169 -6.34 -2.21 15.53
C ARG B 169 -7.24 -3.20 14.80
N TYR B 170 -7.89 -2.75 13.72
CA TYR B 170 -8.73 -3.65 12.94
C TYR B 170 -7.85 -4.84 12.55
N LEU B 171 -6.53 -4.64 12.50
CA LEU B 171 -5.61 -5.74 12.15
C LEU B 171 -5.75 -6.90 13.13
N GLU B 172 -6.34 -6.63 14.29
CA GLU B 172 -6.55 -7.67 15.30
C GLU B 172 -7.50 -8.72 14.71
N LEU B 173 -8.47 -8.28 13.91
CA LEU B 173 -9.40 -9.22 13.33
C LEU B 173 -8.80 -9.98 12.16
N TRP B 174 -7.52 -9.82 11.92
CA TRP B 174 -6.88 -10.59 10.85
C TRP B 174 -6.10 -11.73 11.49
N HIS B 175 -5.62 -11.50 12.70
CA HIS B 175 -4.83 -12.48 13.44
C HIS B 175 -5.64 -13.16 14.56
N GLY B 176 -6.74 -12.54 14.98
CA GLY B 176 -7.57 -13.10 16.04
C GLY B 176 -6.90 -12.86 17.39
N LEU B 177 -6.06 -11.83 17.42
CA LEU B 177 -5.29 -11.51 18.62
C LEU B 177 -5.30 -10.01 18.95
N ASP B 178 -5.45 -9.71 20.24
CA ASP B 178 -5.41 -8.33 20.73
C ASP B 178 -4.01 -7.76 20.42
N TRP B 179 -3.91 -6.47 20.18
CA TRP B 179 -2.62 -5.87 19.83
C TRP B 179 -1.49 -6.01 20.83
N LYS B 180 -1.80 -6.37 22.08
CA LYS B 180 -0.76 -6.54 23.10
C LYS B 180 -0.25 -7.97 23.13
N LEU B 181 -1.02 -8.85 22.49
CA LEU B 181 -0.68 -10.25 22.39
C LEU B 181 -0.06 -10.53 21.02
N LEU B 182 -0.23 -9.60 20.09
CA LEU B 182 0.27 -9.79 18.73
C LEU B 182 1.71 -9.33 18.49
N SER B 183 2.46 -10.16 17.79
CA SER B 183 3.84 -9.87 17.44
C SER B 183 3.85 -8.78 16.38
N ALA B 184 4.58 -7.71 16.64
CA ALA B 184 4.64 -6.61 15.68
C ALA B 184 5.20 -7.08 14.34
N LYS B 185 6.27 -7.88 14.38
CA LYS B 185 6.90 -8.37 13.16
C LYS B 185 5.98 -9.14 12.24
N ASP B 186 4.85 -9.59 12.75
CA ASP B 186 3.96 -10.38 11.93
C ASP B 186 2.63 -9.70 11.65
N THR B 187 2.43 -8.54 12.23
CA THR B 187 1.16 -7.84 12.06
C THR B 187 0.77 -7.52 10.64
N TYR B 188 1.65 -6.86 9.90
CA TYR B 188 1.37 -6.51 8.51
C TYR B 188 1.73 -7.63 7.53
N PHE B 189 0.82 -7.91 6.62
CA PHE B 189 1.01 -8.96 5.64
C PHE B 189 0.60 -8.37 4.31
N GLY B 190 1.17 -8.89 3.22
CA GLY B 190 0.82 -8.36 1.91
C GLY B 190 -0.38 -9.06 1.30
N HIS B 191 -1.50 -8.36 1.21
CA HIS B 191 -2.69 -8.95 0.58
C HIS B 191 -2.40 -8.99 -0.90
N GLN B 192 -2.40 -10.17 -1.52
CA GLN B 192 -2.16 -10.19 -2.96
C GLN B 192 -3.47 -10.11 -3.73
N GLY B 193 -4.14 -8.96 -3.59
CA GLY B 193 -5.39 -8.74 -4.29
C GLY B 193 -6.61 -8.64 -3.39
N ARG B 194 -7.76 -8.35 -3.99
CA ARG B 194 -9.01 -8.24 -3.23
C ARG B 194 -9.45 -9.60 -2.65
N ASN B 195 -10.40 -9.54 -1.73
CA ASN B 195 -10.93 -10.74 -1.10
C ASN B 195 -12.27 -11.08 -1.77
N ALA B 196 -12.60 -12.36 -1.80
CA ALA B 196 -13.85 -12.81 -2.39
C ALA B 196 -14.61 -13.60 -1.34
N PHE B 197 -15.75 -13.07 -0.92
CA PHE B 197 -16.59 -13.70 0.08
C PHE B 197 -17.23 -14.94 -0.53
N ALA B 198 -16.89 -16.12 0.00
CA ALA B 198 -17.47 -17.34 -0.53
C ALA B 198 -18.93 -17.35 -0.16
N LEU B 199 -19.77 -17.69 -1.13
CA LEU B 199 -21.21 -17.76 -0.90
C LEU B 199 -21.49 -19.24 -0.79
N ASN B 200 -20.90 -19.79 0.28
CA ASN B 200 -21.00 -21.18 0.58
C ASN B 200 -19.62 -21.78 0.47
N TYR B 201 -18.86 -21.74 1.56
CA TYR B 201 -17.54 -22.35 1.54
C TYR B 201 -17.77 -23.86 1.59
N ASP B 202 -18.95 -24.26 2.06
CA ASP B 202 -19.32 -25.67 2.13
C ASP B 202 -19.42 -26.28 0.73
N SER B 203 -19.69 -25.42 -0.26
CA SER B 203 -19.76 -25.87 -1.66
C SER B 203 -18.38 -26.30 -2.10
N VAL B 204 -17.36 -25.60 -1.58
CA VAL B 204 -15.98 -25.92 -1.91
C VAL B 204 -15.62 -27.20 -1.17
N VAL B 205 -16.08 -27.33 0.07
CA VAL B 205 -15.80 -28.53 0.87
C VAL B 205 -16.44 -29.75 0.20
N GLN B 206 -17.69 -29.61 -0.20
CA GLN B 206 -18.40 -30.72 -0.83
C GLN B 206 -17.82 -31.10 -2.19
N ARG B 207 -17.48 -30.11 -3.00
CA ARG B 207 -16.92 -30.41 -4.33
C ARG B 207 -15.65 -31.23 -4.21
N ILE B 208 -14.75 -30.81 -3.32
CA ILE B 208 -13.49 -31.52 -3.14
C ILE B 208 -13.73 -32.90 -2.52
N ALA B 209 -14.61 -32.95 -1.53
CA ALA B 209 -14.91 -34.19 -0.84
C ALA B 209 -15.51 -35.26 -1.75
N GLN B 210 -16.28 -34.84 -2.75
CA GLN B 210 -16.91 -35.76 -3.67
C GLN B 210 -16.06 -36.07 -4.89
N SER B 211 -14.78 -35.70 -4.84
CA SER B 211 -13.89 -35.95 -5.97
C SER B 211 -13.11 -37.24 -5.72
N PHE B 212 -13.43 -37.93 -4.64
CA PHE B 212 -12.76 -39.18 -4.31
C PHE B 212 -13.73 -40.17 -3.66
N PRO B 213 -13.36 -41.46 -3.62
CA PRO B 213 -14.21 -42.50 -3.05
C PRO B 213 -14.91 -42.19 -1.73
N GLN B 214 -16.23 -42.29 -1.75
CA GLN B 214 -17.06 -42.06 -0.57
C GLN B 214 -16.67 -43.00 0.57
N ASN B 215 -16.52 -44.28 0.27
CA ASN B 215 -16.15 -45.26 1.28
C ASN B 215 -14.81 -44.93 1.93
N TRP B 216 -14.07 -43.99 1.33
CA TRP B 216 -12.77 -43.60 1.86
C TRP B 216 -12.94 -42.81 3.17
N LEU B 217 -14.11 -42.21 3.32
CA LEU B 217 -14.42 -41.37 4.49
C LEU B 217 -14.96 -42.10 5.70
N LYS B 218 -14.34 -41.87 6.85
CA LYS B 218 -14.79 -42.47 8.10
C LYS B 218 -15.01 -41.34 9.10
N LEU B 219 -16.25 -40.92 9.28
CA LEU B 219 -16.52 -39.83 10.23
C LEU B 219 -16.66 -40.40 11.63
N SER B 220 -16.72 -39.51 12.60
CA SER B 220 -16.82 -39.91 14.00
C SER B 220 -15.75 -40.90 14.48
N CYS B 221 -14.62 -40.99 13.78
CA CYS B 221 -13.51 -41.83 14.24
C CYS B 221 -12.41 -40.87 14.71
N GLU B 222 -12.10 -40.90 16.00
CA GLU B 222 -11.07 -40.06 16.61
C GLU B 222 -9.76 -40.84 16.73
N VAL B 223 -8.77 -40.48 15.92
CA VAL B 223 -7.48 -41.14 15.94
C VAL B 223 -6.82 -40.83 17.28
N LYS B 224 -6.34 -41.86 17.98
CA LYS B 224 -5.72 -41.66 19.29
C LYS B 224 -4.21 -41.96 19.38
N SER B 225 -3.67 -42.62 18.37
CA SER B 225 -2.24 -42.91 18.37
C SER B 225 -1.76 -43.32 16.99
N ILE B 226 -0.48 -43.10 16.74
CA ILE B 226 0.16 -43.41 15.46
C ILE B 226 1.56 -43.91 15.79
N THR B 227 1.91 -45.11 15.32
CA THR B 227 3.22 -45.69 15.59
C THR B 227 3.99 -46.07 14.33
N ARG B 228 5.29 -45.81 14.31
CA ARG B 228 6.12 -46.17 13.15
C ARG B 228 6.77 -47.51 13.46
N GLU B 229 6.47 -48.50 12.64
CA GLU B 229 7.02 -49.83 12.82
C GLU B 229 8.44 -49.87 12.27
N PRO B 230 9.35 -50.58 12.95
CA PRO B 230 10.73 -50.65 12.45
C PRO B 230 10.71 -51.19 11.01
N SER B 231 9.75 -52.08 10.75
CA SER B 231 9.57 -52.69 9.44
C SER B 231 8.77 -51.80 8.46
N LYS B 232 9.30 -50.61 8.18
CA LYS B 232 8.66 -49.67 7.27
C LYS B 232 7.15 -49.77 7.12
N ASN B 233 6.40 -49.33 8.14
CA ASN B 233 4.94 -49.36 8.11
C ASN B 233 4.40 -48.45 9.22
N VAL B 234 3.15 -47.99 9.08
CA VAL B 234 2.57 -47.12 10.10
C VAL B 234 1.23 -47.63 10.61
N THR B 235 1.13 -47.80 11.94
CA THR B 235 -0.08 -48.27 12.58
C THR B 235 -0.88 -47.10 13.16
N VAL B 236 -2.20 -47.13 12.98
CA VAL B 236 -3.06 -46.07 13.48
C VAL B 236 -4.24 -46.64 14.25
N ASN B 237 -4.54 -46.08 15.43
CA ASN B 237 -5.64 -46.55 16.25
C ASN B 237 -6.79 -45.54 16.46
N CYS B 238 -8.02 -45.86 15.99
CA CYS B 238 -9.18 -44.98 16.22
C CYS B 238 -9.57 -45.33 17.66
N GLU B 239 -10.34 -44.49 18.34
CA GLU B 239 -10.73 -44.79 19.72
C GLU B 239 -11.80 -45.87 19.75
N ASP B 240 -12.46 -46.09 18.62
CA ASP B 240 -13.49 -47.13 18.53
C ASP B 240 -12.80 -48.49 18.44
N GLY B 241 -11.54 -48.54 18.88
CA GLY B 241 -10.78 -49.77 18.88
C GLY B 241 -10.16 -50.23 17.56
N THR B 242 -10.74 -49.85 16.43
CA THR B 242 -10.18 -50.30 15.16
C THR B 242 -8.72 -49.87 15.01
N VAL B 243 -7.95 -50.74 14.36
CA VAL B 243 -6.53 -50.48 14.12
C VAL B 243 -6.28 -50.52 12.62
N TYR B 244 -5.37 -49.68 12.16
CA TYR B 244 -5.05 -49.62 10.74
C TYR B 244 -3.56 -49.68 10.47
N ASN B 245 -3.22 -50.21 9.31
CA ASN B 245 -1.83 -50.33 8.90
C ASN B 245 -1.70 -49.61 7.58
N ALA B 246 -0.79 -48.66 7.50
CA ALA B 246 -0.63 -47.91 6.26
C ALA B 246 0.81 -47.61 5.92
N ASP B 247 1.06 -47.39 4.64
CA ASP B 247 2.41 -47.08 4.18
C ASP B 247 2.75 -45.64 4.58
N TYR B 248 1.78 -44.74 4.40
CA TYR B 248 1.97 -43.34 4.73
C TYR B 248 0.75 -42.73 5.41
N VAL B 249 1.00 -41.78 6.30
CA VAL B 249 -0.09 -41.08 6.97
C VAL B 249 0.18 -39.59 6.85
N ILE B 250 -0.87 -38.82 6.67
CA ILE B 250 -0.76 -37.37 6.56
C ILE B 250 -1.64 -36.80 7.68
N ILE B 251 -1.00 -36.33 8.73
CA ILE B 251 -1.72 -35.76 9.87
C ILE B 251 -2.07 -34.29 9.61
N THR B 252 -3.37 -33.96 9.62
CA THR B 252 -3.82 -32.59 9.37
C THR B 252 -4.54 -31.95 10.55
N VAL B 253 -4.39 -32.49 11.75
CA VAL B 253 -5.06 -31.91 12.90
C VAL B 253 -4.46 -30.53 13.17
N PRO B 254 -5.27 -29.58 13.68
CA PRO B 254 -4.79 -28.23 13.98
C PRO B 254 -3.54 -28.24 14.85
N GLN B 255 -2.71 -27.23 14.65
CA GLN B 255 -1.47 -27.06 15.41
C GLN B 255 -1.75 -27.19 16.91
N SER B 256 -2.87 -26.61 17.35
CA SER B 256 -3.24 -26.65 18.76
C SER B 256 -3.52 -28.06 19.27
N VAL B 257 -4.08 -28.90 18.41
CA VAL B 257 -4.39 -30.26 18.80
C VAL B 257 -3.10 -31.08 18.77
N LEU B 258 -2.31 -30.87 17.73
CA LEU B 258 -1.05 -31.57 17.59
C LEU B 258 -0.13 -31.25 18.78
N ASN B 259 -0.25 -30.03 19.29
CA ASN B 259 0.59 -29.59 20.42
C ASN B 259 0.37 -30.49 21.63
N LEU B 260 -0.85 -31.01 21.76
CA LEU B 260 -1.20 -31.87 22.89
C LEU B 260 -0.30 -33.10 22.97
N SER B 261 0.27 -33.47 21.83
CA SER B 261 1.16 -34.62 21.76
C SER B 261 2.42 -34.43 22.59
N VAL B 262 2.98 -33.24 22.58
CA VAL B 262 4.22 -33.00 23.33
C VAL B 262 3.98 -32.81 24.81
N GLN B 263 2.96 -33.48 25.33
CA GLN B 263 2.62 -33.38 26.74
C GLN B 263 2.14 -34.70 27.30
N PRO B 264 2.43 -34.96 28.59
CA PRO B 264 2.01 -36.21 29.21
C PRO B 264 0.48 -36.18 29.31
N GLU B 265 -0.13 -37.32 29.61
CA GLU B 265 -1.59 -37.45 29.72
C GLU B 265 -2.13 -37.59 28.30
N LYS B 266 -2.62 -38.79 27.98
CA LYS B 266 -3.15 -39.06 26.67
C LYS B 266 -4.67 -38.96 26.60
N ASN B 267 -5.33 -38.87 27.74
CA ASN B 267 -6.78 -38.82 27.73
C ASN B 267 -7.36 -37.44 27.42
N LEU B 268 -6.84 -36.80 26.38
CA LEU B 268 -7.33 -35.50 25.96
C LEU B 268 -7.98 -35.69 24.60
N ARG B 269 -9.24 -35.30 24.48
CA ARG B 269 -9.96 -35.43 23.22
C ARG B 269 -9.12 -34.80 22.10
N GLY B 270 -8.85 -35.57 21.06
CA GLY B 270 -8.09 -35.06 19.93
C GLY B 270 -6.60 -35.32 19.94
N ARG B 271 -6.02 -35.48 21.12
CA ARG B 271 -4.59 -35.73 21.23
C ARG B 271 -4.17 -37.07 20.63
N ILE B 272 -3.10 -37.06 19.84
CA ILE B 272 -2.57 -38.25 19.23
C ILE B 272 -1.27 -38.64 19.94
N GLU B 273 -1.14 -39.94 20.24
CA GLU B 273 0.05 -40.46 20.92
C GLU B 273 1.03 -40.91 19.86
N PHE B 274 2.18 -40.24 19.76
CA PHE B 274 3.18 -40.62 18.76
C PHE B 274 4.26 -41.51 19.36
N GLN B 275 4.61 -42.56 18.61
CA GLN B 275 5.64 -43.51 19.01
C GLN B 275 6.42 -43.97 17.78
N PRO B 276 7.70 -43.58 17.70
CA PRO B 276 8.36 -42.74 18.69
C PRO B 276 7.75 -41.34 18.74
N PRO B 277 7.95 -40.61 19.85
CA PRO B 277 7.41 -39.27 20.02
C PRO B 277 7.96 -38.30 18.96
N LEU B 278 7.22 -37.22 18.71
CA LEU B 278 7.60 -36.23 17.72
C LEU B 278 9.01 -35.68 17.90
N LYS B 279 9.78 -35.67 16.82
CA LYS B 279 11.17 -35.18 16.86
C LYS B 279 11.34 -33.84 17.57
N PRO B 280 12.46 -33.67 18.29
CA PRO B 280 12.73 -32.42 19.00
C PRO B 280 12.54 -31.15 18.18
N VAL B 281 12.92 -31.17 16.91
CA VAL B 281 12.77 -30.00 16.05
C VAL B 281 11.29 -29.63 15.93
N ILE B 282 10.41 -30.63 16.03
CA ILE B 282 8.97 -30.43 15.95
C ILE B 282 8.41 -30.01 17.31
N GLN B 283 8.79 -30.70 18.37
CA GLN B 283 8.33 -30.34 19.70
C GLN B 283 8.69 -28.89 20.03
N ASP B 284 9.96 -28.54 19.80
CA ASP B 284 10.47 -27.20 20.09
C ASP B 284 9.85 -26.10 19.26
N ALA B 285 9.43 -26.43 18.03
CA ALA B 285 8.83 -25.41 17.16
C ALA B 285 7.56 -24.83 17.80
N PHE B 286 6.97 -25.57 18.74
CA PHE B 286 5.76 -25.13 19.43
C PHE B 286 6.02 -24.00 20.41
N ASP B 287 7.29 -23.79 20.76
CA ASP B 287 7.63 -22.72 21.68
C ASP B 287 7.76 -21.43 20.90
N LYS B 288 7.83 -21.56 19.58
CA LYS B 288 8.00 -20.39 18.73
C LYS B 288 6.84 -20.07 17.79
N ILE B 289 5.66 -20.55 18.11
CA ILE B 289 4.48 -20.27 17.30
C ILE B 289 3.27 -20.55 18.17
N HIS B 290 2.23 -19.73 18.04
CA HIS B 290 1.06 -19.94 18.85
C HIS B 290 -0.27 -20.00 18.11
N PHE B 291 -1.36 -19.91 18.85
CA PHE B 291 -2.68 -20.03 18.23
C PHE B 291 -3.58 -18.86 18.58
N GLY B 292 -4.20 -18.26 17.56
CA GLY B 292 -5.09 -17.15 17.81
C GLY B 292 -6.54 -17.60 17.95
N ALA B 293 -7.40 -16.67 18.38
CA ALA B 293 -8.80 -16.99 18.56
C ALA B 293 -9.76 -16.05 17.86
N LEU B 294 -9.78 -16.10 16.54
CA LEU B 294 -10.70 -15.26 15.81
C LEU B 294 -12.08 -15.90 16.06
N GLY B 295 -13.09 -15.10 16.36
CA GLY B 295 -14.40 -15.67 16.60
C GLY B 295 -15.47 -14.98 15.81
N LYS B 296 -16.68 -15.54 15.81
CA LYS B 296 -17.78 -14.94 15.09
C LYS B 296 -19.10 -14.91 15.85
N VAL B 297 -19.86 -13.86 15.60
CA VAL B 297 -21.17 -13.68 16.20
C VAL B 297 -22.06 -13.22 15.06
N ILE B 298 -23.14 -13.94 14.79
CA ILE B 298 -24.04 -13.56 13.71
C ILE B 298 -25.33 -12.95 14.25
N PHE B 299 -25.63 -11.73 13.80
CA PHE B 299 -26.83 -11.04 14.23
C PHE B 299 -27.85 -11.07 13.10
N GLU B 300 -28.92 -11.83 13.30
CA GLU B 300 -29.97 -11.93 12.29
C GLU B 300 -31.15 -11.02 12.62
N PHE B 301 -31.45 -10.11 11.70
CA PHE B 301 -32.59 -9.21 11.89
C PHE B 301 -33.73 -9.65 10.97
N GLU B 302 -34.96 -9.30 11.36
CA GLU B 302 -36.13 -9.66 10.57
C GLU B 302 -35.97 -9.17 9.14
N GLU B 303 -35.55 -7.92 8.99
CA GLU B 303 -35.36 -7.34 7.68
C GLU B 303 -34.41 -6.15 7.77
N CYS B 304 -33.86 -5.75 6.63
CA CYS B 304 -32.94 -4.63 6.59
C CYS B 304 -33.66 -3.31 6.58
N CYS B 305 -33.31 -2.45 7.54
CA CYS B 305 -33.90 -1.14 7.64
C CYS B 305 -32.82 -0.16 8.08
N TRP B 306 -31.66 -0.27 7.44
CA TRP B 306 -30.50 0.57 7.70
C TRP B 306 -29.80 0.90 6.39
N SER B 307 -28.91 1.89 6.40
CA SER B 307 -28.20 2.27 5.19
C SER B 307 -27.21 1.23 4.71
N ASN B 308 -27.21 0.97 3.40
CA ASN B 308 -26.29 0.00 2.81
C ASN B 308 -25.18 0.70 2.03
N GLU B 309 -24.60 1.71 2.66
CA GLU B 309 -23.51 2.47 2.04
C GLU B 309 -22.32 1.54 1.86
N SER B 310 -22.03 0.76 2.89
CA SER B 310 -20.91 -0.17 2.83
C SER B 310 -21.21 -1.51 3.49
N SER B 311 -20.44 -2.53 3.15
CA SER B 311 -20.60 -3.86 3.70
C SER B 311 -19.53 -4.12 4.77
N LYS B 312 -18.69 -3.12 5.01
CA LYS B 312 -17.61 -3.23 6.00
C LYS B 312 -17.69 -2.11 7.06
N ILE B 313 -17.86 -2.50 8.31
CA ILE B 313 -17.97 -1.54 9.42
C ILE B 313 -17.12 -1.98 10.60
N VAL B 314 -16.31 -1.08 11.14
CA VAL B 314 -15.48 -1.42 12.31
C VAL B 314 -15.78 -0.45 13.43
N THR B 315 -16.09 -0.97 14.61
CA THR B 315 -16.34 -0.11 15.75
C THR B 315 -15.04 0.02 16.53
N LEU B 316 -14.63 1.26 16.77
CA LEU B 316 -13.39 1.53 17.50
C LEU B 316 -13.62 1.42 18.99
N ALA B 317 -12.61 0.93 19.72
CA ALA B 317 -12.73 0.82 21.16
C ALA B 317 -12.61 2.25 21.69
N ASN B 318 -13.00 2.45 22.93
CA ASN B 318 -12.91 3.77 23.52
C ASN B 318 -11.50 4.30 23.59
N SER B 319 -11.36 5.61 23.39
CA SER B 319 -10.08 6.29 23.47
C SER B 319 -10.30 7.44 24.45
N THR B 320 -9.24 8.12 24.88
CA THR B 320 -9.39 9.22 25.82
C THR B 320 -8.39 10.33 25.54
N ASN B 321 -8.77 11.57 25.83
CA ASN B 321 -7.88 12.70 25.61
C ASN B 321 -6.71 12.60 26.58
N GLU B 322 -6.91 11.88 27.69
CA GLU B 322 -5.85 11.69 28.66
C GLU B 322 -4.69 10.99 27.96
N PHE B 323 -5.00 10.04 27.08
CA PHE B 323 -3.99 9.30 26.35
C PHE B 323 -3.13 10.28 25.51
N VAL B 324 -3.81 11.16 24.77
CA VAL B 324 -3.13 12.15 23.93
C VAL B 324 -2.11 12.95 24.75
N GLU B 325 -2.57 13.46 25.88
CA GLU B 325 -1.72 14.24 26.79
C GLU B 325 -0.48 13.45 27.17
N ILE B 326 -0.64 12.16 27.45
CA ILE B 326 0.48 11.32 27.83
C ILE B 326 1.47 11.19 26.70
N VAL B 327 0.96 11.06 25.48
CA VAL B 327 1.83 10.94 24.30
C VAL B 327 2.56 12.26 24.12
N ARG B 328 1.86 13.36 24.32
CA ARG B 328 2.43 14.70 24.21
C ARG B 328 3.53 14.98 25.25
N ASN B 329 3.37 14.45 26.46
CA ASN B 329 4.33 14.73 27.52
C ASN B 329 5.39 13.66 27.80
N ALA B 330 5.27 12.50 27.19
CA ALA B 330 6.24 11.43 27.42
C ALA B 330 7.60 11.76 26.81
N GLU B 331 8.66 11.57 27.59
CA GLU B 331 10.01 11.82 27.11
C GLU B 331 10.47 10.74 26.14
N ASN B 332 10.05 9.51 26.41
CA ASN B 332 10.42 8.38 25.57
C ASN B 332 9.48 7.20 25.79
N LEU B 333 9.75 6.10 25.09
CA LEU B 333 8.91 4.92 25.20
C LEU B 333 8.87 4.35 26.62
N ASP B 334 9.96 4.51 27.36
CA ASP B 334 10.04 4.02 28.73
C ASP B 334 9.02 4.77 29.57
N GLU B 335 9.16 6.08 29.59
CA GLU B 335 8.26 6.94 30.34
C GLU B 335 6.81 6.76 29.89
N LEU B 336 6.61 6.62 28.58
CA LEU B 336 5.27 6.43 28.03
C LEU B 336 4.61 5.23 28.68
N ASP B 337 5.34 4.12 28.80
CA ASP B 337 4.80 2.93 29.43
C ASP B 337 4.48 3.22 30.89
N SER B 338 5.45 3.81 31.59
CA SER B 338 5.24 4.15 32.98
C SER B 338 4.00 5.03 33.11
N MET B 339 3.95 6.10 32.33
CA MET B 339 2.81 7.02 32.37
C MET B 339 1.50 6.31 32.07
N LEU B 340 1.55 5.23 31.29
CA LEU B 340 0.34 4.47 30.99
C LEU B 340 0.01 3.59 32.19
N GLU B 341 -1.00 4.04 32.93
CA GLU B 341 -1.48 3.38 34.14
C GLU B 341 -2.85 4.02 34.36
N ARG B 342 -3.03 5.17 33.72
CA ARG B 342 -4.27 5.94 33.79
C ARG B 342 -4.24 7.08 32.77
N THR B 349 -13.15 -0.06 34.31
CA THR B 349 -12.29 -1.13 34.83
C THR B 349 -12.91 -2.51 34.60
N SER B 350 -13.63 -2.66 33.49
CA SER B 350 -14.26 -3.94 33.14
C SER B 350 -14.53 -4.02 31.62
N VAL B 351 -14.52 -5.25 31.08
CA VAL B 351 -14.72 -5.45 29.64
C VAL B 351 -16.11 -5.32 29.04
N THR B 352 -16.23 -4.47 28.03
CA THR B 352 -17.50 -4.24 27.35
C THR B 352 -17.32 -4.36 25.83
N CYS B 353 -18.40 -4.09 25.09
CA CYS B 353 -18.35 -4.15 23.64
C CYS B 353 -17.51 -3.02 23.08
N TRP B 354 -17.08 -2.10 23.95
CA TRP B 354 -16.25 -0.97 23.55
C TRP B 354 -14.81 -1.12 24.06
N SER B 355 -14.50 -2.27 24.63
CA SER B 355 -13.16 -2.49 25.16
C SER B 355 -12.16 -2.92 24.08
N GLN B 356 -12.68 -3.25 22.90
CA GLN B 356 -11.82 -3.67 21.79
C GLN B 356 -12.53 -3.39 20.47
N PRO B 357 -11.77 -3.30 19.38
CA PRO B 357 -12.43 -3.04 18.10
C PRO B 357 -13.26 -4.27 17.71
N LEU B 358 -14.32 -4.06 16.94
CA LEU B 358 -15.14 -5.17 16.51
C LEU B 358 -15.35 -4.93 15.03
N PHE B 359 -15.35 -6.00 14.25
CA PHE B 359 -15.51 -5.90 12.80
C PHE B 359 -16.82 -6.51 12.32
N PHE B 360 -17.71 -5.68 11.77
CA PHE B 360 -19.00 -6.15 11.29
C PHE B 360 -19.12 -6.17 9.76
N VAL B 361 -19.64 -7.26 9.24
CA VAL B 361 -19.86 -7.38 7.80
C VAL B 361 -21.36 -7.15 7.61
N ASN B 362 -21.72 -6.02 7.01
CA ASN B 362 -23.13 -5.74 6.74
C ASN B 362 -23.49 -6.60 5.54
N LEU B 363 -23.97 -7.82 5.79
CA LEU B 363 -24.32 -8.73 4.72
C LEU B 363 -25.45 -8.26 3.81
N SER B 364 -26.26 -7.33 4.32
CA SER B 364 -27.36 -6.82 3.52
C SER B 364 -26.86 -6.29 2.17
N LYS B 365 -25.79 -5.50 2.18
CA LYS B 365 -25.27 -4.96 0.93
C LYS B 365 -24.56 -5.97 0.03
N SER B 366 -23.78 -6.86 0.62
CA SER B 366 -23.03 -7.83 -0.17
C SER B 366 -23.80 -9.07 -0.61
N THR B 367 -24.77 -9.51 0.18
CA THR B 367 -25.52 -10.72 -0.17
C THR B 367 -27.02 -10.55 -0.11
N GLY B 368 -27.47 -9.37 0.32
CA GLY B 368 -28.90 -9.12 0.43
C GLY B 368 -29.53 -9.62 1.72
N VAL B 369 -28.77 -10.33 2.56
CA VAL B 369 -29.33 -10.84 3.80
C VAL B 369 -29.27 -9.83 4.94
N ALA B 370 -30.40 -9.64 5.60
CA ALA B 370 -30.52 -8.70 6.72
C ALA B 370 -29.85 -9.23 7.97
N SER B 371 -28.55 -9.48 7.89
CA SER B 371 -27.80 -9.97 9.03
C SER B 371 -26.43 -9.33 9.10
N PHE B 372 -25.83 -9.38 10.28
CA PHE B 372 -24.50 -8.83 10.47
C PHE B 372 -23.59 -9.98 10.87
N MET B 373 -22.45 -10.10 10.21
CA MET B 373 -21.48 -11.12 10.55
C MET B 373 -20.35 -10.38 11.22
N MET B 374 -20.26 -10.48 12.54
CA MET B 374 -19.24 -9.79 13.32
C MET B 374 -18.06 -10.68 13.71
N LEU B 375 -16.87 -10.08 13.70
CA LEU B 375 -15.66 -10.79 14.07
C LEU B 375 -15.08 -10.20 15.34
N MET B 376 -14.57 -11.10 16.18
CA MET B 376 -13.98 -10.71 17.46
C MET B 376 -12.61 -11.37 17.58
N GLN B 377 -11.84 -10.97 18.58
CA GLN B 377 -10.51 -11.52 18.76
C GLN B 377 -10.24 -11.96 20.19
N ALA B 378 -9.14 -12.67 20.40
CA ALA B 378 -8.75 -13.10 21.74
C ALA B 378 -8.33 -11.81 22.45
N PRO B 379 -8.63 -11.67 23.75
CA PRO B 379 -9.33 -12.62 24.62
C PRO B 379 -10.85 -12.53 24.58
N LEU B 380 -11.39 -11.45 24.02
CA LEU B 380 -12.85 -11.32 23.97
C LEU B 380 -13.54 -12.58 23.44
N THR B 381 -12.97 -13.17 22.40
CA THR B 381 -13.55 -14.36 21.80
C THR B 381 -13.75 -15.51 22.77
N ASN B 382 -12.77 -15.78 23.62
CA ASN B 382 -12.86 -16.86 24.58
C ASN B 382 -14.01 -16.66 25.55
N HIS B 383 -14.26 -15.40 25.95
CA HIS B 383 -15.34 -15.10 26.87
C HIS B 383 -16.72 -15.16 26.20
N ILE B 384 -16.82 -14.61 25.00
CA ILE B 384 -18.10 -14.61 24.31
C ILE B 384 -18.54 -16.03 23.97
N GLU B 385 -17.62 -16.84 23.47
CA GLU B 385 -17.96 -18.22 23.13
C GLU B 385 -18.32 -19.00 24.39
N SER B 386 -17.76 -18.61 25.53
CA SER B 386 -18.04 -19.32 26.78
C SER B 386 -19.49 -19.11 27.28
N ILE B 387 -20.13 -18.02 26.86
CA ILE B 387 -21.50 -17.72 27.26
C ILE B 387 -22.36 -17.62 26.01
N ARG B 388 -21.98 -18.36 24.98
CA ARG B 388 -22.70 -18.33 23.71
C ARG B 388 -24.10 -18.91 23.76
N GLU B 389 -24.45 -19.51 24.88
CA GLU B 389 -25.77 -20.10 25.00
C GLU B 389 -26.77 -19.13 25.61
N ASP B 390 -26.25 -18.18 26.37
CA ASP B 390 -27.06 -17.17 27.02
C ASP B 390 -27.34 -16.03 26.02
N LYS B 391 -28.32 -16.25 25.16
CA LYS B 391 -28.67 -15.27 24.13
C LYS B 391 -29.02 -13.87 24.62
N GLU B 392 -29.68 -13.79 25.77
CA GLU B 392 -30.07 -12.48 26.29
C GLU B 392 -28.87 -11.71 26.85
N ARG B 393 -27.90 -12.45 27.36
CA ARG B 393 -26.70 -11.82 27.88
C ARG B 393 -25.84 -11.33 26.69
N LEU B 394 -25.87 -12.07 25.59
CA LEU B 394 -25.11 -11.68 24.40
C LEU B 394 -25.72 -10.38 23.87
N PHE B 395 -27.05 -10.35 23.79
CA PHE B 395 -27.75 -9.18 23.31
C PHE B 395 -27.39 -7.98 24.17
N SER B 396 -27.38 -8.18 25.48
CA SER B 396 -27.03 -7.11 26.41
C SER B 396 -25.61 -6.64 26.13
N PHE B 397 -24.71 -7.59 25.90
CA PHE B 397 -23.32 -7.23 25.64
C PHE B 397 -23.13 -6.45 24.34
N PHE B 398 -23.77 -6.90 23.26
CA PHE B 398 -23.62 -6.25 21.96
C PHE B 398 -24.65 -5.19 21.57
N GLN B 399 -25.57 -4.88 22.49
CA GLN B 399 -26.63 -3.92 22.20
C GLN B 399 -26.13 -2.49 21.91
N PRO B 400 -25.27 -1.95 22.78
CA PRO B 400 -24.77 -0.59 22.53
C PRO B 400 -24.07 -0.34 21.19
N VAL B 401 -23.18 -1.26 20.76
CA VAL B 401 -22.52 -1.05 19.48
C VAL B 401 -23.54 -1.33 18.38
N LEU B 402 -24.40 -2.32 18.62
CA LEU B 402 -25.43 -2.64 17.65
C LEU B 402 -26.21 -1.37 17.37
N ASN B 403 -26.59 -0.65 18.42
CA ASN B 403 -27.33 0.59 18.25
C ASN B 403 -26.49 1.66 17.56
N LYS B 404 -25.35 1.98 18.14
CA LYS B 404 -24.48 3.01 17.57
C LYS B 404 -24.36 2.85 16.06
N ILE B 405 -24.33 1.59 15.61
CA ILE B 405 -24.21 1.31 14.19
C ILE B 405 -25.47 1.75 13.43
N MET B 406 -26.62 1.30 13.92
CA MET B 406 -27.89 1.65 13.28
C MET B 406 -28.02 3.15 13.20
N LYS B 407 -27.55 3.83 14.25
CA LYS B 407 -27.59 5.29 14.32
C LYS B 407 -26.80 5.91 13.16
N CYS B 408 -25.56 5.45 12.98
CA CYS B 408 -24.71 5.97 11.90
C CYS B 408 -25.21 5.55 10.54
N LEU B 409 -25.96 4.45 10.50
CA LEU B 409 -26.52 3.94 9.27
C LEU B 409 -27.95 4.47 9.08
N ASP B 410 -28.23 5.60 9.74
CA ASP B 410 -29.54 6.27 9.68
C ASP B 410 -30.71 5.33 9.97
N SER B 411 -30.75 4.81 11.21
CA SER B 411 -31.81 3.91 11.63
C SER B 411 -32.00 4.08 13.14
N GLU B 412 -32.78 3.20 13.75
CA GLU B 412 -33.03 3.31 15.19
C GLU B 412 -32.52 2.12 15.99
N ASP B 413 -32.68 2.23 17.30
CA ASP B 413 -32.25 1.20 18.23
C ASP B 413 -32.82 -0.17 17.95
N VAL B 414 -31.96 -1.17 18.11
CA VAL B 414 -32.31 -2.56 17.88
C VAL B 414 -33.39 -3.04 18.85
N ILE B 415 -34.32 -3.83 18.33
CA ILE B 415 -35.41 -4.38 19.14
C ILE B 415 -35.22 -5.88 19.29
N ASP B 416 -35.12 -6.35 20.54
CA ASP B 416 -34.92 -7.76 20.82
C ASP B 416 -36.14 -8.57 20.44
N GLY B 417 -36.06 -9.30 19.33
CA GLY B 417 -37.18 -10.11 18.89
C GLY B 417 -36.78 -11.56 18.72
N MET B 418 -36.00 -12.06 19.67
CA MET B 418 -35.53 -13.44 19.63
C MET B 418 -36.53 -14.43 20.21
N ARG B 419 -37.81 -14.13 20.04
CA ARG B 419 -38.90 -14.97 20.53
C ARG B 419 -40.21 -14.65 19.83
N ALA B 427 -41.72 -2.21 12.74
CA ALA B 427 -42.35 -1.46 11.67
C ALA B 427 -41.36 -0.62 10.90
N ASN B 428 -40.48 0.06 11.63
CA ASN B 428 -39.46 0.90 11.03
C ASN B 428 -38.19 0.81 11.85
N LYS B 429 -38.14 -0.20 12.72
CA LYS B 429 -36.98 -0.42 13.58
C LYS B 429 -36.38 -1.80 13.32
N PRO B 430 -35.06 -1.94 13.55
CA PRO B 430 -34.40 -3.23 13.34
C PRO B 430 -34.75 -4.24 14.43
N VAL B 431 -35.23 -5.41 14.01
CA VAL B 431 -35.62 -6.46 14.94
C VAL B 431 -34.70 -7.67 14.92
N LEU B 432 -33.95 -7.86 16.02
CA LEU B 432 -33.03 -8.98 16.14
C LEU B 432 -33.80 -10.28 16.38
N ARG B 433 -33.72 -11.20 15.45
CA ARG B 433 -34.40 -12.47 15.59
C ARG B 433 -33.55 -13.55 16.23
N ASN B 434 -32.30 -13.66 15.79
CA ASN B 434 -31.43 -14.70 16.31
C ASN B 434 -29.97 -14.28 16.45
N ILE B 435 -29.23 -15.04 17.25
CA ILE B 435 -27.81 -14.80 17.45
C ILE B 435 -27.08 -16.13 17.44
N ILE B 436 -26.12 -16.25 16.53
CA ILE B 436 -25.30 -17.46 16.41
C ILE B 436 -23.88 -17.10 16.87
N VAL B 437 -23.21 -18.05 17.51
CA VAL B 437 -21.86 -17.81 17.98
C VAL B 437 -20.94 -18.95 17.59
N SER B 438 -19.69 -18.62 17.30
CA SER B 438 -18.72 -19.64 16.95
C SER B 438 -18.41 -20.41 18.23
N ASN B 439 -17.67 -21.50 18.12
CA ASN B 439 -17.33 -22.30 19.30
C ASN B 439 -15.98 -22.99 19.09
N TRP B 440 -15.14 -22.40 18.23
CA TRP B 440 -13.83 -22.98 17.93
C TRP B 440 -12.86 -23.13 19.09
N THR B 441 -13.00 -22.32 20.14
CA THR B 441 -12.06 -22.44 21.27
C THR B 441 -12.46 -23.53 22.24
N ARG B 442 -13.75 -23.87 22.30
CA ARG B 442 -14.23 -24.89 23.22
C ARG B 442 -14.29 -26.26 22.56
N ASP B 443 -14.23 -26.29 21.23
CA ASP B 443 -14.26 -27.54 20.48
C ASP B 443 -12.89 -28.23 20.57
N PRO B 444 -12.82 -29.41 21.20
CA PRO B 444 -11.57 -30.16 21.36
C PRO B 444 -10.80 -30.50 20.09
N TYR B 445 -11.49 -30.49 18.97
CA TYR B 445 -10.86 -30.82 17.70
C TYR B 445 -10.49 -29.55 16.94
N SER B 446 -10.55 -28.43 17.66
CA SER B 446 -10.25 -27.12 17.09
C SER B 446 -9.26 -26.40 18.01
N ARG B 447 -9.72 -26.08 19.21
CA ARG B 447 -8.92 -25.41 20.23
C ARG B 447 -8.31 -24.10 19.73
N GLY B 448 -9.17 -23.23 19.19
CA GLY B 448 -8.75 -21.94 18.66
C GLY B 448 -9.15 -21.75 17.22
N ALA B 449 -8.66 -20.70 16.57
CA ALA B 449 -9.01 -20.43 15.17
C ALA B 449 -7.93 -20.88 14.16
N TYR B 450 -6.69 -20.40 14.30
CA TYR B 450 -5.58 -20.76 13.42
C TYR B 450 -4.24 -20.24 13.95
N SER B 451 -3.13 -20.66 13.34
CA SER B 451 -1.82 -20.22 13.82
C SER B 451 -1.62 -18.72 13.74
N ALA B 452 -1.02 -18.17 14.80
CA ALA B 452 -0.76 -16.74 14.92
C ALA B 452 0.52 -16.59 15.74
N CYS B 453 1.09 -15.40 15.72
CA CYS B 453 2.34 -15.17 16.43
C CYS B 453 2.35 -14.19 17.60
N PHE B 454 2.88 -14.65 18.73
CA PHE B 454 3.03 -13.79 19.90
C PHE B 454 4.38 -13.12 19.64
N PRO B 455 4.69 -12.03 20.36
CA PRO B 455 6.00 -11.44 20.04
C PRO B 455 7.15 -12.42 20.35
N GLY B 456 8.11 -12.49 19.43
CA GLY B 456 9.26 -13.38 19.59
C GLY B 456 9.11 -14.66 18.79
N ASP B 457 7.91 -14.92 18.27
CA ASP B 457 7.65 -16.14 17.49
C ASP B 457 8.25 -16.20 16.10
N ASP B 458 8.72 -17.38 15.72
CA ASP B 458 9.28 -17.58 14.40
C ASP B 458 8.40 -18.59 13.69
N PRO B 459 7.35 -18.12 12.99
CA PRO B 459 6.45 -19.03 12.28
C PRO B 459 7.16 -19.98 11.33
N VAL B 460 8.37 -19.62 10.91
CA VAL B 460 9.11 -20.46 9.99
C VAL B 460 9.59 -21.79 10.60
N ASP B 461 9.90 -21.79 11.90
CA ASP B 461 10.35 -23.02 12.55
C ASP B 461 9.32 -24.13 12.38
N MET B 462 8.06 -23.81 12.64
CA MET B 462 6.97 -24.77 12.53
C MET B 462 6.80 -25.23 11.09
N VAL B 463 6.71 -24.28 10.16
CA VAL B 463 6.53 -24.64 8.75
C VAL B 463 7.59 -25.64 8.27
N VAL B 464 8.84 -25.37 8.64
CA VAL B 464 9.98 -26.22 8.27
C VAL B 464 9.88 -27.62 8.90
N ALA B 465 9.73 -27.67 10.21
CA ALA B 465 9.62 -28.94 10.92
C ALA B 465 8.45 -29.78 10.38
N MET B 466 7.33 -29.12 10.09
CA MET B 466 6.13 -29.77 9.58
C MET B 466 6.29 -30.32 8.17
N SER B 467 6.73 -29.48 7.22
CA SER B 467 6.89 -29.94 5.84
C SER B 467 8.03 -30.93 5.64
N ASN B 468 8.83 -31.16 6.67
CA ASN B 468 9.92 -32.14 6.58
C ASN B 468 9.51 -33.46 7.23
N GLY B 469 8.30 -33.48 7.80
CA GLY B 469 7.76 -34.67 8.44
C GLY B 469 8.45 -35.25 9.65
N GLN B 470 7.77 -36.20 10.29
CA GLN B 470 8.28 -36.91 11.45
C GLN B 470 9.32 -37.89 10.92
N ASP B 471 9.11 -38.31 9.68
CA ASP B 471 10.00 -39.21 8.95
C ASP B 471 9.41 -39.41 7.57
N SER B 472 10.14 -40.09 6.69
CA SER B 472 9.68 -40.34 5.34
C SER B 472 8.23 -40.81 5.23
N ARG B 473 7.72 -41.47 6.27
CA ARG B 473 6.37 -42.00 6.24
C ARG B 473 5.28 -41.20 6.93
N ILE B 474 5.63 -40.52 8.02
CA ILE B 474 4.68 -39.73 8.78
C ILE B 474 4.78 -38.25 8.40
N ARG B 475 3.77 -37.77 7.70
CA ARG B 475 3.75 -36.41 7.19
C ARG B 475 2.70 -35.51 7.85
N PHE B 476 2.76 -34.23 7.49
CA PHE B 476 1.83 -33.24 8.01
C PHE B 476 1.37 -32.28 6.93
N ALA B 477 0.13 -31.82 7.08
CA ALA B 477 -0.48 -30.86 6.17
C ALA B 477 -1.39 -29.97 7.02
N GLY B 478 -1.90 -28.88 6.45
CA GLY B 478 -2.76 -27.99 7.23
C GLY B 478 -2.28 -26.56 7.12
N GLU B 479 -3.11 -25.61 7.57
CA GLU B 479 -2.79 -24.19 7.47
C GLU B 479 -1.49 -23.74 8.14
N HIS B 480 -1.06 -24.51 9.14
CA HIS B 480 0.14 -24.21 9.89
C HIS B 480 1.40 -24.90 9.34
N THR B 481 1.30 -25.56 8.20
CA THR B 481 2.44 -26.27 7.66
C THR B 481 3.03 -25.70 6.36
N ILE B 482 2.68 -24.45 6.02
CA ILE B 482 3.14 -23.87 4.77
C ILE B 482 3.24 -22.33 4.80
N MET B 483 4.21 -21.77 4.08
CA MET B 483 4.40 -20.32 4.03
C MET B 483 3.33 -19.59 3.24
N ASP B 484 3.31 -19.81 1.93
CA ASP B 484 2.33 -19.15 1.09
C ASP B 484 0.91 -19.53 1.53
N GLY B 485 0.17 -18.53 2.02
CA GLY B 485 -1.20 -18.75 2.47
C GLY B 485 -1.28 -19.34 3.87
N ALA B 486 -0.24 -19.12 4.67
CA ALA B 486 -0.24 -19.63 6.03
C ALA B 486 -1.50 -19.15 6.74
N GLY B 487 -2.16 -20.04 7.48
CA GLY B 487 -3.35 -19.68 8.22
C GLY B 487 -4.60 -19.51 7.38
N CYS B 488 -4.50 -19.71 6.07
CA CYS B 488 -5.64 -19.55 5.19
C CYS B 488 -6.17 -20.88 4.63
N ALA B 489 -7.42 -20.87 4.18
CA ALA B 489 -8.03 -22.04 3.60
C ALA B 489 -7.24 -22.53 2.39
N TYR B 490 -6.73 -21.60 1.57
CA TYR B 490 -6.01 -22.00 0.37
C TYR B 490 -4.61 -22.53 0.68
N GLY B 491 -4.05 -22.11 1.81
CA GLY B 491 -2.75 -22.60 2.18
C GLY B 491 -2.90 -24.06 2.62
N ALA B 492 -3.86 -24.30 3.52
CA ALA B 492 -4.16 -25.66 4.01
C ALA B 492 -4.43 -26.57 2.81
N TRP B 493 -5.09 -26.01 1.81
CA TRP B 493 -5.43 -26.72 0.59
C TRP B 493 -4.15 -27.10 -0.15
N GLU B 494 -3.22 -26.16 -0.25
CA GLU B 494 -1.97 -26.40 -0.95
C GLU B 494 -1.11 -27.46 -0.24
N SER B 495 -1.10 -27.45 1.09
CA SER B 495 -0.31 -28.43 1.83
C SER B 495 -0.87 -29.82 1.58
N GLY B 496 -2.19 -29.92 1.46
CA GLY B 496 -2.82 -31.19 1.19
C GLY B 496 -2.33 -31.70 -0.15
N ARG B 497 -2.29 -30.81 -1.14
CA ARG B 497 -1.84 -31.17 -2.48
C ARG B 497 -0.38 -31.56 -2.41
N ARG B 498 0.38 -30.80 -1.62
CA ARG B 498 1.82 -31.04 -1.45
C ARG B 498 2.14 -32.45 -1.00
N GLU B 499 1.77 -32.78 0.23
CA GLU B 499 2.04 -34.09 0.81
C GLU B 499 1.52 -35.25 0.00
N ALA B 500 0.36 -35.08 -0.61
CA ALA B 500 -0.24 -36.15 -1.39
C ALA B 500 0.56 -36.42 -2.66
N THR B 501 1.05 -35.35 -3.29
CA THR B 501 1.83 -35.50 -4.51
C THR B 501 3.18 -36.20 -4.27
N ARG B 502 3.89 -35.80 -3.22
CA ARG B 502 5.17 -36.42 -2.90
C ARG B 502 4.96 -37.92 -2.70
N ILE B 503 3.87 -38.27 -2.03
CA ILE B 503 3.54 -39.66 -1.76
C ILE B 503 3.13 -40.36 -3.05
N SER B 504 2.28 -39.70 -3.83
CA SER B 504 1.85 -40.26 -5.12
C SER B 504 3.10 -40.67 -5.88
N ASP B 505 4.01 -39.71 -6.07
CA ASP B 505 5.25 -39.97 -6.78
C ASP B 505 6.00 -41.15 -6.18
N LEU B 506 6.22 -41.11 -4.87
CA LEU B 506 6.94 -42.18 -4.20
C LEU B 506 6.27 -43.53 -4.48
N LEU B 507 4.96 -43.60 -4.28
CA LEU B 507 4.23 -44.84 -4.50
C LEU B 507 4.40 -45.38 -5.92
N LYS B 508 4.58 -44.48 -6.88
CA LYS B 508 4.77 -44.87 -8.27
C LYS B 508 6.00 -45.76 -8.43
N LEU B 509 7.10 -45.35 -7.82
CA LEU B 509 8.34 -46.12 -7.88
C LEU B 509 8.11 -47.54 -7.38
N GLU B 510 8.60 -48.52 -8.14
CA GLU B 510 8.43 -49.92 -7.76
C GLU B 510 9.53 -50.82 -8.27
#